data_7BXP
#
_entry.id   7BXP
#
_cell.length_a   58.376
_cell.length_b   105.847
_cell.length_c   67.744
_cell.angle_alpha   90.000
_cell.angle_beta   105.791
_cell.angle_gamma   90.000
#
_symmetry.space_group_name_H-M   'P 1 21 1'
#
loop_
_entity.id
_entity.type
_entity.pdbx_description
1 polymer '2-amino-3-ketobutyrate coenzyme A ligase'
2 water water
#
_entity_poly.entity_id   1
_entity_poly.type   'polypeptide(L)'
_entity_poly.pdbx_seq_one_letter_code
;MGHMMSNAEAFYASIRTELESIRAAGLFKNERVIATPQGARVRTTDGREVINLCANNYLGLSSHPQVIEAAHEALRTHGF
GLSSVRFICGTQDLHKTLEARLSAFLGTEDTILYGSAFDANGGLFETLLGAEDAVISDALNHASIIDGVRLSKARRYRYQ
HNDMDDLRVQLEQARADGARYTLVFSDGVFSMDGTVARLDEMRAICDEYGALLGIDECHATGFMGQRGRGTHEARGVFGK
IDIITGTLG(LLP)ALGGASGGFTSARKEVVALLRQRSRPYLFSNTVAPAIVGASIAVLDILEASTELRDRLEGNTRFFR
AGLDRLGFDVKAGDHPIIPIMVYDADKAQQLAQRLLELGVYVVGFFYPVVPKGQARIRVQMSALHDEAALQAALDAFGQA
GRELGLILEHHHHHH
;
_entity_poly.pdbx_strand_id   A,B
#
# COMPACT_ATOMS: atom_id res chain seq x y z
N MET A 5 2.47 6.30 38.14
CA MET A 5 2.10 6.27 36.72
C MET A 5 3.31 6.01 35.83
N SER A 6 3.31 4.88 35.11
CA SER A 6 4.41 4.58 34.20
C SER A 6 4.30 5.40 32.92
N ASN A 7 5.43 5.64 32.27
CA ASN A 7 5.41 6.34 30.99
C ASN A 7 4.51 5.61 29.99
N ALA A 8 4.56 4.26 30.00
CA ALA A 8 3.75 3.51 29.05
C ALA A 8 2.26 3.73 29.27
N GLU A 9 1.82 3.70 30.54
CA GLU A 9 0.39 3.92 30.75
C GLU A 9 0.02 5.38 30.56
N ALA A 10 0.96 6.29 30.84
CA ALA A 10 0.74 7.70 30.51
C ALA A 10 0.52 7.90 29.02
N PHE A 11 1.30 7.18 28.21
CA PHE A 11 1.11 7.21 26.76
C PHE A 11 -0.34 6.94 26.39
N TYR A 12 -0.90 5.85 26.94
CA TYR A 12 -2.29 5.55 26.63
C TYR A 12 -3.24 6.63 27.15
N ALA A 13 -2.91 7.26 28.28
CA ALA A 13 -3.72 8.38 28.77
C ALA A 13 -3.70 9.55 27.78
N SER A 14 -2.53 9.82 27.21
CA SER A 14 -2.40 10.87 26.20
C SER A 14 -3.25 10.56 24.97
N ILE A 15 -3.20 9.32 24.49
CA ILE A 15 -4.01 8.90 23.35
C ILE A 15 -5.50 9.07 23.66
N ARG A 16 -5.93 8.65 24.85
CA ARG A 16 -7.34 8.75 25.21
C ARG A 16 -7.78 10.19 25.32
N THR A 17 -6.95 11.05 25.91
CA THR A 17 -7.28 12.46 25.99
C THR A 17 -7.49 13.04 24.59
N GLU A 18 -6.59 12.69 23.65
CA GLU A 18 -6.73 13.20 22.28
C GLU A 18 -8.02 12.70 21.62
N LEU A 19 -8.35 11.41 21.82
CA LEU A 19 -9.59 10.87 21.29
C LEU A 19 -10.80 11.62 21.83
N GLU A 20 -10.78 11.97 23.12
CA GLU A 20 -11.92 12.69 23.70
C GLU A 20 -12.02 14.09 23.10
N SER A 21 -10.89 14.73 22.85
CA SER A 21 -10.93 16.08 22.28
C SER A 21 -11.45 16.04 20.85
N ILE A 22 -11.13 14.98 20.09
CA ILE A 22 -11.72 14.81 18.77
C ILE A 22 -13.24 14.70 18.88
N ARG A 23 -13.72 13.84 19.77
CA ARG A 23 -15.17 13.69 19.98
C ARG A 23 -15.81 15.01 20.40
N ALA A 24 -15.17 15.73 21.32
CA ALA A 24 -15.75 16.99 21.80
C ALA A 24 -15.81 18.03 20.70
N ALA A 25 -14.88 17.98 19.75
CA ALA A 25 -14.86 18.93 18.64
C ALA A 25 -15.84 18.57 17.53
N GLY A 26 -16.51 17.42 17.61
CA GLY A 26 -17.37 16.98 16.53
C GLY A 26 -16.64 16.42 15.34
N LEU A 27 -15.39 15.99 15.52
CA LEU A 27 -14.54 15.55 14.41
C LEU A 27 -14.29 14.04 14.41
N PHE A 28 -15.11 13.27 15.13
CA PHE A 28 -14.92 11.83 15.23
C PHE A 28 -15.67 11.13 14.10
N LYS A 29 -14.92 10.46 13.22
CA LYS A 29 -15.52 9.70 12.12
C LYS A 29 -16.04 8.36 12.62
N ASN A 30 -17.28 8.02 12.28
CA ASN A 30 -17.79 6.68 12.54
C ASN A 30 -17.94 5.94 11.24
N GLU A 31 -17.63 4.64 11.25
CA GLU A 31 -17.77 3.83 10.06
C GLU A 31 -19.16 3.23 9.98
N ARG A 32 -19.74 3.29 8.79
CA ARG A 32 -20.95 2.52 8.51
C ARG A 32 -20.53 1.18 7.93
N VAL A 33 -21.23 0.13 8.34
CA VAL A 33 -20.86 -1.22 7.98
C VAL A 33 -21.79 -1.69 6.87
N ILE A 34 -21.25 -1.77 5.66
CA ILE A 34 -22.02 -2.16 4.48
C ILE A 34 -22.07 -3.68 4.38
N ALA A 35 -23.25 -4.21 4.08
CA ALA A 35 -23.45 -5.66 3.99
C ALA A 35 -23.48 -6.18 2.57
N THR A 36 -23.51 -5.30 1.58
CA THR A 36 -23.67 -5.64 0.17
C THR A 36 -22.41 -5.34 -0.62
N PRO A 37 -22.33 -5.81 -1.87
CA PRO A 37 -21.32 -5.27 -2.78
C PRO A 37 -21.48 -3.76 -2.94
N GLN A 38 -20.43 -3.14 -3.46
CA GLN A 38 -20.52 -1.74 -3.86
C GLN A 38 -21.49 -1.60 -5.03
N GLY A 39 -22.22 -0.50 -5.06
CA GLY A 39 -23.13 -0.28 -6.17
C GLY A 39 -23.84 1.04 -6.04
N ALA A 40 -24.76 1.28 -6.98
CA ALA A 40 -25.54 2.51 -6.96
C ALA A 40 -26.37 2.60 -5.69
N ARG A 41 -26.84 1.46 -5.21
CA ARG A 41 -27.47 1.36 -3.91
C ARG A 41 -26.73 0.32 -3.08
N VAL A 42 -26.66 0.56 -1.77
CA VAL A 42 -26.05 -0.37 -0.83
C VAL A 42 -26.97 -0.52 0.37
N ARG A 43 -26.69 -1.54 1.19
CA ARG A 43 -27.44 -1.78 2.41
C ARG A 43 -26.48 -2.00 3.56
N THR A 44 -26.68 -1.28 4.66
CA THR A 44 -25.88 -1.49 5.85
C THR A 44 -26.39 -2.70 6.61
N THR A 45 -25.63 -3.11 7.64
CA THR A 45 -25.95 -4.33 8.37
C THR A 45 -27.31 -4.24 9.06
N ASP A 46 -27.74 -3.03 9.43
CA ASP A 46 -29.06 -2.86 10.05
C ASP A 46 -30.20 -3.04 9.06
N GLY A 47 -29.91 -3.20 7.76
CA GLY A 47 -30.92 -3.49 6.76
C GLY A 47 -31.41 -2.31 5.94
N ARG A 48 -30.96 -1.08 6.24
CA ARG A 48 -31.40 0.10 5.49
C ARG A 48 -30.73 0.15 4.13
N GLU A 49 -31.52 0.12 3.05
CA GLU A 49 -30.99 0.28 1.69
C GLU A 49 -31.09 1.73 1.26
N VAL A 50 -30.00 2.25 0.69
CA VAL A 50 -29.86 3.67 0.43
C VAL A 50 -29.11 3.88 -0.88
N ILE A 51 -29.26 5.07 -1.45
CA ILE A 51 -28.57 5.44 -2.69
C ILE A 51 -27.18 5.93 -2.33
N ASN A 52 -26.17 5.30 -2.90
CA ASN A 52 -24.78 5.66 -2.62
C ASN A 52 -24.32 6.76 -3.58
N LEU A 53 -24.08 7.94 -3.05
CA LEU A 53 -23.52 9.05 -3.81
C LEU A 53 -22.19 9.51 -3.22
N CYS A 54 -21.35 8.57 -2.76
CA CYS A 54 -20.07 8.99 -2.22
C CYS A 54 -18.98 7.96 -2.42
N ALA A 55 -19.01 7.25 -3.53
CA ALA A 55 -18.00 6.27 -3.86
C ALA A 55 -17.10 6.78 -4.98
N ASN A 56 -15.90 6.21 -5.07
CA ASN A 56 -15.03 6.47 -6.22
C ASN A 56 -15.36 5.55 -7.39
N ASN A 57 -16.52 4.92 -7.36
CA ASN A 57 -16.99 3.96 -8.37
C ASN A 57 -17.55 4.71 -9.59
N TYR A 58 -16.68 5.53 -10.18
CA TYR A 58 -17.15 6.54 -11.14
C TYR A 58 -17.81 5.92 -12.36
N LEU A 59 -17.34 4.76 -12.80
CA LEU A 59 -17.85 4.13 -14.01
C LEU A 59 -18.64 2.86 -13.72
N GLY A 60 -18.89 2.58 -12.46
CA GLY A 60 -19.64 1.39 -12.10
C GLY A 60 -18.87 0.10 -12.19
N LEU A 61 -17.55 0.15 -12.36
CA LEU A 61 -16.78 -1.06 -12.62
C LEU A 61 -16.51 -1.90 -11.37
N SER A 62 -16.71 -1.36 -10.16
CA SER A 62 -16.41 -2.11 -8.94
C SER A 62 -17.21 -3.40 -8.83
N SER A 63 -18.40 -3.45 -9.44
CA SER A 63 -19.18 -4.68 -9.44
C SER A 63 -19.74 -4.96 -10.83
N HIS A 64 -19.09 -4.47 -11.87
CA HIS A 64 -19.44 -4.80 -13.24
C HIS A 64 -19.25 -6.31 -13.46
N PRO A 65 -20.23 -7.01 -14.05
CA PRO A 65 -20.12 -8.47 -14.16
C PRO A 65 -18.94 -8.97 -14.99
N GLN A 66 -18.52 -8.22 -16.01
CA GLN A 66 -17.36 -8.63 -16.78
C GLN A 66 -16.07 -8.47 -15.98
N VAL A 67 -16.04 -7.49 -15.08
CA VAL A 67 -14.86 -7.26 -14.26
C VAL A 67 -14.77 -8.31 -13.16
N ILE A 68 -15.89 -8.59 -12.50
CA ILE A 68 -15.95 -9.67 -11.53
C ILE A 68 -15.55 -11.00 -12.16
N GLU A 69 -16.04 -11.28 -13.37
CA GLU A 69 -15.68 -12.54 -14.01
C GLU A 69 -14.18 -12.60 -14.32
N ALA A 70 -13.59 -11.49 -14.74
CA ALA A 70 -12.15 -11.50 -15.01
C ALA A 70 -11.35 -11.77 -13.74
N ALA A 71 -11.88 -11.35 -12.59
CA ALA A 71 -11.25 -11.69 -11.32
C ALA A 71 -11.38 -13.18 -11.02
N HIS A 72 -12.57 -13.75 -11.25
CA HIS A 72 -12.74 -15.20 -11.08
C HIS A 72 -11.75 -15.94 -11.98
N GLU A 73 -11.60 -15.48 -13.22
CA GLU A 73 -10.78 -16.19 -14.19
C GLU A 73 -9.30 -16.13 -13.79
N ALA A 74 -8.82 -14.96 -13.38
CA ALA A 74 -7.44 -14.87 -12.94
C ALA A 74 -7.19 -15.67 -11.65
N LEU A 75 -8.20 -15.78 -10.78
CA LEU A 75 -8.07 -16.69 -9.65
C LEU A 75 -7.82 -18.11 -10.13
N ARG A 76 -8.58 -18.55 -11.13
CA ARG A 76 -8.44 -19.90 -11.65
C ARG A 76 -7.11 -20.09 -12.36
N THR A 77 -6.64 -19.10 -13.12
CA THR A 77 -5.45 -19.33 -13.93
C THR A 77 -4.17 -18.99 -13.19
N HIS A 78 -4.21 -18.02 -12.28
CA HIS A 78 -2.97 -17.52 -11.69
C HIS A 78 -2.99 -17.51 -10.16
N GLY A 79 -4.05 -18.00 -9.52
CA GLY A 79 -4.05 -18.19 -8.08
C GLY A 79 -4.46 -16.95 -7.32
N PHE A 80 -4.43 -17.07 -5.99
CA PHE A 80 -4.92 -16.02 -5.10
C PHE A 80 -3.84 -14.98 -4.77
N GLY A 81 -2.67 -15.44 -4.33
CA GLY A 81 -1.61 -14.55 -3.95
C GLY A 81 -0.29 -14.96 -4.56
N LEU A 82 0.63 -13.99 -4.65
CA LEU A 82 1.97 -14.30 -5.09
C LEU A 82 2.98 -14.32 -3.95
N SER A 83 2.65 -13.69 -2.81
CA SER A 83 3.52 -13.68 -1.63
C SER A 83 4.99 -13.44 -2.01
N SER A 84 5.20 -12.37 -2.78
CA SER A 84 6.55 -11.96 -3.13
C SER A 84 6.52 -10.53 -3.67
N VAL A 85 7.60 -9.78 -3.39
CA VAL A 85 7.78 -8.53 -4.12
C VAL A 85 8.11 -8.87 -5.57
N ARG A 86 8.00 -7.87 -6.45
CA ARG A 86 8.07 -8.12 -7.89
C ARG A 86 9.40 -8.77 -8.30
N PHE A 87 10.53 -8.27 -7.76
CA PHE A 87 11.78 -8.69 -8.36
C PHE A 87 12.21 -10.09 -7.95
N ILE A 88 11.58 -10.69 -6.95
CA ILE A 88 12.07 -12.00 -6.49
C ILE A 88 11.30 -13.08 -7.23
N CYS A 89 10.02 -13.28 -6.90
CA CYS A 89 9.17 -14.19 -7.68
C CYS A 89 7.73 -13.71 -7.65
N GLY A 90 7.53 -12.41 -7.84
CA GLY A 90 6.21 -11.86 -7.81
C GLY A 90 5.75 -11.22 -9.11
N THR A 91 6.46 -11.50 -10.21
CA THR A 91 6.09 -10.98 -11.52
C THR A 91 5.45 -12.09 -12.34
N GLN A 92 4.17 -11.95 -12.67
CA GLN A 92 3.53 -12.86 -13.61
C GLN A 92 3.36 -12.18 -14.97
N ASP A 93 3.00 -12.98 -15.98
CA ASP A 93 2.78 -12.38 -17.29
C ASP A 93 1.62 -11.39 -17.23
N LEU A 94 0.66 -11.61 -16.34
CA LEU A 94 -0.44 -10.67 -16.16
C LEU A 94 0.10 -9.26 -15.85
N HIS A 95 1.04 -9.17 -14.91
CA HIS A 95 1.57 -7.87 -14.52
C HIS A 95 2.19 -7.15 -15.70
N LYS A 96 3.01 -7.85 -16.49
CA LYS A 96 3.64 -7.23 -17.65
C LYS A 96 2.58 -6.79 -18.66
N THR A 97 1.55 -7.61 -18.87
CA THR A 97 0.47 -7.23 -19.78
C THR A 97 -0.23 -5.96 -19.31
N LEU A 98 -0.62 -5.92 -18.03
CA LEU A 98 -1.30 -4.73 -17.51
C LEU A 98 -0.41 -3.51 -17.65
N GLU A 99 0.89 -3.65 -17.35
CA GLU A 99 1.79 -2.50 -17.46
C GLU A 99 1.87 -1.98 -18.89
N ALA A 100 1.93 -2.87 -19.87
CA ALA A 100 1.92 -2.45 -21.26
C ALA A 100 0.60 -1.78 -21.64
N ARG A 101 -0.52 -2.35 -21.20
CA ARG A 101 -1.83 -1.81 -21.55
C ARG A 101 -2.06 -0.43 -20.93
N LEU A 102 -1.64 -0.26 -19.66
CA LEU A 102 -1.75 1.06 -19.03
C LEU A 102 -0.91 2.10 -19.78
N SER A 103 0.32 1.72 -20.17
CA SER A 103 1.17 2.69 -20.86
C SER A 103 0.51 3.16 -22.15
N ALA A 104 -0.09 2.24 -22.90
CA ALA A 104 -0.75 2.63 -24.14
C ALA A 104 -1.97 3.48 -23.85
N PHE A 105 -2.73 3.11 -22.83
CA PHE A 105 -3.92 3.85 -22.45
C PHE A 105 -3.55 5.28 -22.07
N LEU A 106 -2.45 5.46 -21.36
CA LEU A 106 -2.05 6.74 -20.81
C LEU A 106 -1.12 7.55 -21.71
N GLY A 107 -0.62 6.97 -22.81
CA GLY A 107 0.26 7.71 -23.70
C GLY A 107 1.70 7.76 -23.29
N THR A 108 2.17 6.80 -22.50
CA THR A 108 3.53 6.76 -21.98
C THR A 108 4.27 5.53 -22.48
N GLU A 109 5.58 5.49 -22.21
CA GLU A 109 6.41 4.40 -22.69
C GLU A 109 6.28 3.14 -21.84
N ASP A 110 6.16 3.28 -20.52
CA ASP A 110 6.17 2.13 -19.63
C ASP A 110 5.41 2.51 -18.38
N THR A 111 5.11 1.49 -17.58
CA THR A 111 4.34 1.62 -16.35
C THR A 111 4.86 0.62 -15.34
N ILE A 112 4.92 1.04 -14.07
CA ILE A 112 5.33 0.17 -12.97
C ILE A 112 4.16 0.11 -11.97
N LEU A 113 3.69 -1.09 -11.69
CA LEU A 113 2.62 -1.29 -10.73
C LEU A 113 3.11 -1.16 -9.29
N TYR A 114 2.29 -0.52 -8.48
CA TYR A 114 2.43 -0.49 -7.03
C TYR A 114 1.17 -1.07 -6.40
N GLY A 115 1.23 -1.30 -5.09
CA GLY A 115 0.05 -1.78 -4.37
C GLY A 115 -1.06 -0.75 -4.29
N SER A 116 -0.74 0.51 -4.56
CA SER A 116 -1.66 1.62 -4.33
C SER A 116 -1.01 2.87 -4.90
N ALA A 117 -1.84 3.85 -5.24
CA ALA A 117 -1.26 5.14 -5.62
C ALA A 117 -0.58 5.81 -4.45
N PHE A 118 -1.05 5.56 -3.22
CA PHE A 118 -0.36 6.09 -2.05
C PHE A 118 1.11 5.66 -2.07
N ASP A 119 1.36 4.38 -2.37
CA ASP A 119 2.72 3.85 -2.50
C ASP A 119 3.44 4.38 -3.74
N ALA A 120 2.73 4.54 -4.85
CA ALA A 120 3.36 5.09 -6.06
C ALA A 120 3.98 6.45 -5.77
N ASN A 121 3.18 7.34 -5.16
CA ASN A 121 3.69 8.66 -4.79
C ASN A 121 4.77 8.53 -3.73
N GLY A 122 4.58 7.66 -2.75
CA GLY A 122 5.57 7.51 -1.69
C GLY A 122 6.93 7.08 -2.21
N GLY A 123 6.96 6.31 -3.29
CA GLY A 123 8.19 5.80 -3.84
C GLY A 123 8.71 6.55 -5.05
N LEU A 124 8.08 7.67 -5.42
CA LEU A 124 8.46 8.36 -6.65
C LEU A 124 9.63 9.30 -6.44
N PHE A 125 9.46 10.25 -5.51
CA PHE A 125 10.35 11.40 -5.44
C PHE A 125 11.72 11.02 -4.89
N GLU A 126 11.74 10.14 -3.88
CA GLU A 126 13.02 9.76 -3.30
C GLU A 126 13.88 9.01 -4.33
N THR A 127 13.25 8.31 -5.26
CA THR A 127 14.02 7.54 -6.24
C THR A 127 14.62 8.44 -7.30
N LEU A 128 13.86 9.42 -7.77
CA LEU A 128 14.23 10.17 -8.96
C LEU A 128 14.99 11.46 -8.67
N LEU A 129 14.82 12.03 -7.49
CA LEU A 129 15.36 13.35 -7.20
C LEU A 129 16.39 13.30 -6.08
N GLY A 130 17.26 14.31 -6.06
CA GLY A 130 18.27 14.43 -5.02
C GLY A 130 18.25 15.77 -4.30
N ALA A 131 19.25 16.00 -3.45
CA ALA A 131 19.27 17.18 -2.61
C ALA A 131 19.40 18.47 -3.41
N GLU A 132 19.91 18.42 -4.63
CA GLU A 132 20.05 19.61 -5.45
C GLU A 132 18.81 19.88 -6.31
N ASP A 133 17.83 19.00 -6.29
CA ASP A 133 16.64 19.14 -7.12
C ASP A 133 15.52 19.80 -6.34
N ALA A 134 14.49 20.22 -7.07
CA ALA A 134 13.34 20.88 -6.46
C ALA A 134 12.05 20.21 -6.91
N VAL A 135 11.08 20.15 -6.00
CA VAL A 135 9.70 19.80 -6.33
C VAL A 135 8.82 21.00 -6.05
N ILE A 136 7.99 21.36 -7.00
CA ILE A 136 7.07 22.47 -6.86
C ILE A 136 5.65 21.90 -6.86
N SER A 137 4.98 21.98 -5.70
CA SER A 137 3.65 21.40 -5.50
C SER A 137 2.57 22.45 -5.46
N ASP A 138 1.43 22.12 -6.07
CA ASP A 138 0.20 22.83 -5.74
C ASP A 138 -0.06 22.74 -4.25
N ALA A 139 -0.44 23.86 -3.65
CA ALA A 139 -0.64 23.91 -2.20
C ALA A 139 -1.63 22.85 -1.71
N LEU A 140 -2.58 22.42 -2.54
CA LEU A 140 -3.60 21.48 -2.11
C LEU A 140 -3.28 20.04 -2.53
N ASN A 141 -2.03 19.75 -2.91
CA ASN A 141 -1.68 18.42 -3.35
C ASN A 141 -2.06 17.38 -2.30
N HIS A 142 -2.36 16.17 -2.79
CA HIS A 142 -2.77 15.04 -1.98
C HIS A 142 -1.73 14.66 -0.93
N ALA A 143 -2.21 14.19 0.22
CA ALA A 143 -1.34 13.77 1.32
C ALA A 143 -0.27 12.77 0.86
N SER A 144 -0.64 11.86 -0.05
CA SER A 144 0.37 10.87 -0.46
C SER A 144 1.48 11.53 -1.27
N ILE A 145 1.18 12.60 -2.01
CA ILE A 145 2.22 13.34 -2.70
C ILE A 145 3.15 14.01 -1.70
N ILE A 146 2.56 14.68 -0.71
CA ILE A 146 3.34 15.37 0.32
C ILE A 146 4.29 14.39 1.02
N ASP A 147 3.76 13.24 1.43
CA ASP A 147 4.60 12.28 2.15
C ASP A 147 5.72 11.74 1.25
N GLY A 148 5.43 11.50 -0.02
CA GLY A 148 6.51 11.13 -0.94
C GLY A 148 7.57 12.20 -1.04
N VAL A 149 7.16 13.47 -1.17
CA VAL A 149 8.13 14.55 -1.25
C VAL A 149 8.94 14.64 0.04
N ARG A 150 8.26 14.52 1.20
CA ARG A 150 8.96 14.57 2.49
C ARG A 150 10.00 13.47 2.61
N LEU A 151 9.73 12.29 2.02
CA LEU A 151 10.70 11.22 2.10
C LEU A 151 11.92 11.48 1.21
N SER A 152 11.76 12.30 0.18
CA SER A 152 12.88 12.64 -0.69
C SER A 152 13.75 13.73 -0.08
N LYS A 153 14.89 13.98 -0.71
CA LYS A 153 15.79 15.07 -0.34
C LYS A 153 15.58 16.30 -1.19
N ALA A 154 14.56 16.31 -2.05
CA ALA A 154 14.32 17.45 -2.91
C ALA A 154 13.93 18.67 -2.10
N ARG A 155 14.29 19.83 -2.63
CA ARG A 155 13.89 21.10 -2.03
C ARG A 155 12.43 21.38 -2.37
N ARG A 156 11.64 21.72 -1.36
CA ARG A 156 10.18 21.83 -1.51
C ARG A 156 9.74 23.28 -1.73
N TYR A 157 8.92 23.48 -2.75
CA TYR A 157 8.23 24.74 -2.99
C TYR A 157 6.75 24.46 -3.18
N ARG A 158 5.91 25.44 -2.83
CA ARG A 158 4.47 25.35 -3.01
C ARG A 158 3.99 26.57 -3.76
N TYR A 159 3.08 26.38 -4.70
CA TYR A 159 2.40 27.50 -5.31
C TYR A 159 0.93 27.49 -4.89
N GLN A 160 0.32 28.67 -4.89
CA GLN A 160 -1.07 28.77 -4.48
C GLN A 160 -1.97 27.95 -5.41
N HIS A 161 -3.04 27.41 -4.82
CA HIS A 161 -3.92 26.45 -5.48
C HIS A 161 -4.36 26.93 -6.86
N ASN A 162 -3.97 26.17 -7.89
CA ASN A 162 -4.35 26.40 -9.29
C ASN A 162 -3.95 27.80 -9.77
N ASP A 163 -2.88 28.35 -9.21
CA ASP A 163 -2.44 29.72 -9.50
C ASP A 163 -1.20 29.66 -10.38
N MET A 164 -1.38 29.93 -11.69
CA MET A 164 -0.26 29.86 -12.62
C MET A 164 0.71 31.02 -12.43
N ASP A 165 0.22 32.19 -12.00
CA ASP A 165 1.13 33.29 -11.69
C ASP A 165 2.09 32.91 -10.59
N ASP A 166 1.57 32.30 -9.51
CA ASP A 166 2.43 31.91 -8.40
C ASP A 166 3.30 30.71 -8.77
N LEU A 167 2.83 29.84 -9.66
CA LEU A 167 3.67 28.74 -10.11
C LEU A 167 4.94 29.28 -10.77
N ARG A 168 4.81 30.30 -11.62
CA ARG A 168 5.97 30.95 -12.21
C ARG A 168 6.89 31.54 -11.15
N VAL A 169 6.31 32.19 -10.13
CA VAL A 169 7.11 32.74 -9.05
C VAL A 169 7.96 31.64 -8.41
N GLN A 170 7.35 30.48 -8.15
CA GLN A 170 8.09 29.42 -7.47
C GLN A 170 9.15 28.82 -8.38
N LEU A 171 8.83 28.64 -9.67
CA LEU A 171 9.82 28.14 -10.62
C LEU A 171 11.00 29.09 -10.70
N GLU A 172 10.70 30.40 -10.75
CA GLU A 172 11.75 31.40 -10.77
C GLU A 172 12.60 31.32 -9.49
N GLN A 173 11.94 31.24 -8.33
CA GLN A 173 12.67 31.16 -7.08
C GLN A 173 13.51 29.89 -7.02
N ALA A 174 12.95 28.75 -7.45
CA ALA A 174 13.71 27.51 -7.41
C ALA A 174 14.94 27.59 -8.32
N ARG A 175 14.80 28.23 -9.47
CA ARG A 175 15.95 28.44 -10.33
C ARG A 175 16.96 29.37 -9.68
N ALA A 176 16.49 30.47 -9.09
CA ALA A 176 17.38 31.39 -8.41
C ALA A 176 18.11 30.70 -7.27
N ASP A 177 17.46 29.75 -6.60
CA ASP A 177 18.07 29.01 -5.51
C ASP A 177 19.07 27.98 -6.00
N GLY A 178 19.16 27.75 -7.31
CA GLY A 178 20.15 26.86 -7.86
C GLY A 178 19.69 25.43 -8.08
N ALA A 179 18.38 25.21 -8.25
CA ALA A 179 17.90 23.85 -8.49
C ALA A 179 18.58 23.24 -9.71
N ARG A 180 18.90 21.95 -9.61
CA ARG A 180 19.40 21.22 -10.77
C ARG A 180 18.25 20.80 -11.68
N TYR A 181 17.45 19.81 -11.26
CA TYR A 181 16.24 19.42 -11.96
C TYR A 181 15.04 19.87 -11.13
N THR A 182 13.99 20.29 -11.80
CA THR A 182 12.79 20.80 -11.15
C THR A 182 11.61 19.99 -11.63
N LEU A 183 10.80 19.49 -10.69
CA LEU A 183 9.59 18.73 -11.01
C LEU A 183 8.39 19.49 -10.45
N VAL A 184 7.54 20.01 -11.33
CA VAL A 184 6.25 20.55 -10.94
C VAL A 184 5.29 19.38 -10.84
N PHE A 185 4.61 19.24 -9.69
CA PHE A 185 3.72 18.11 -9.44
C PHE A 185 2.41 18.58 -8.84
N SER A 186 1.31 18.03 -9.35
CA SER A 186 -0.03 18.45 -8.97
C SER A 186 -1.00 17.27 -9.07
N ASP A 187 -1.99 17.23 -8.17
CA ASP A 187 -3.19 16.46 -8.46
C ASP A 187 -3.67 16.83 -9.86
N GLY A 188 -4.08 15.83 -10.64
CA GLY A 188 -4.73 16.16 -11.90
C GLY A 188 -6.14 16.68 -11.67
N VAL A 189 -6.90 15.98 -10.83
CA VAL A 189 -8.15 16.46 -10.27
C VAL A 189 -8.01 16.37 -8.75
N PHE A 190 -8.33 17.46 -8.06
CA PHE A 190 -8.08 17.50 -6.62
C PHE A 190 -9.15 16.76 -5.84
N SER A 191 -8.72 15.87 -4.93
CA SER A 191 -9.62 14.90 -4.31
C SER A 191 -10.80 15.58 -3.61
N MET A 192 -10.56 16.74 -2.98
CA MET A 192 -11.52 17.29 -2.02
C MET A 192 -12.36 18.43 -2.58
N ASP A 193 -11.95 19.07 -3.68
CA ASP A 193 -12.77 20.14 -4.26
C ASP A 193 -13.13 19.88 -5.71
N GLY A 194 -12.62 18.82 -6.32
CA GLY A 194 -12.98 18.49 -7.68
C GLY A 194 -12.42 19.39 -8.75
N THR A 195 -11.51 20.31 -8.41
CA THR A 195 -11.02 21.21 -9.45
C THR A 195 -10.00 20.50 -10.32
N VAL A 196 -9.94 20.93 -11.58
CA VAL A 196 -9.12 20.32 -12.63
C VAL A 196 -7.86 21.16 -12.81
N ALA A 197 -6.70 20.54 -12.63
CA ALA A 197 -5.45 21.27 -12.78
C ALA A 197 -5.31 21.81 -14.20
N ARG A 198 -4.69 22.99 -14.32
CA ARG A 198 -4.59 23.67 -15.61
C ARG A 198 -3.35 23.16 -16.35
N LEU A 199 -3.41 21.87 -16.74
CA LEU A 199 -2.22 21.19 -17.23
C LEU A 199 -1.69 21.78 -18.53
N ASP A 200 -2.56 22.33 -19.37
CA ASP A 200 -2.08 22.95 -20.61
C ASP A 200 -1.22 24.16 -20.30
N GLU A 201 -1.68 25.04 -19.40
CA GLU A 201 -0.87 26.17 -18.99
C GLU A 201 0.38 25.72 -18.26
N MET A 202 0.27 24.69 -17.43
CA MET A 202 1.44 24.22 -16.67
C MET A 202 2.50 23.62 -17.58
N ARG A 203 2.08 22.91 -18.63
CA ARG A 203 3.04 22.36 -19.59
C ARG A 203 3.81 23.49 -20.25
N ALA A 204 3.10 24.51 -20.74
CA ALA A 204 3.78 25.65 -21.35
C ALA A 204 4.76 26.28 -20.38
N ILE A 205 4.33 26.52 -19.14
CA ILE A 205 5.19 27.17 -18.16
C ILE A 205 6.38 26.30 -17.83
N CYS A 206 6.16 24.98 -17.68
CA CYS A 206 7.26 24.06 -17.44
C CYS A 206 8.28 24.12 -18.57
N ASP A 207 7.81 24.17 -19.82
CA ASP A 207 8.73 24.20 -20.94
C ASP A 207 9.62 25.43 -20.87
N GLU A 208 9.06 26.58 -20.48
CA GLU A 208 9.85 27.80 -20.41
C GLU A 208 11.02 27.65 -19.45
N TYR A 209 10.83 26.91 -18.35
CA TYR A 209 11.86 26.73 -17.35
C TYR A 209 12.58 25.40 -17.49
N GLY A 210 12.23 24.60 -18.48
CA GLY A 210 12.88 23.32 -18.64
C GLY A 210 12.49 22.33 -17.55
N ALA A 211 11.36 22.53 -16.91
CA ALA A 211 10.94 21.70 -15.79
C ALA A 211 10.16 20.49 -16.26
N LEU A 212 10.15 19.46 -15.43
CA LEU A 212 9.33 18.29 -15.60
C LEU A 212 7.93 18.56 -15.07
N LEU A 213 6.94 17.85 -15.63
CA LEU A 213 5.55 17.98 -15.20
C LEU A 213 5.03 16.61 -14.81
N GLY A 214 4.61 16.46 -13.55
CA GLY A 214 4.04 15.22 -13.06
C GLY A 214 2.65 15.45 -12.48
N ILE A 215 1.78 14.44 -12.63
CA ILE A 215 0.39 14.56 -12.20
C ILE A 215 -0.04 13.27 -11.51
N ASP A 216 -0.95 13.42 -10.55
CA ASP A 216 -1.57 12.31 -9.83
C ASP A 216 -3.00 12.23 -10.34
N GLU A 217 -3.31 11.15 -11.08
CA GLU A 217 -4.53 11.07 -11.88
C GLU A 217 -5.64 10.29 -11.21
N CYS A 218 -5.59 10.14 -9.87
CA CYS A 218 -6.48 9.19 -9.22
C CYS A 218 -7.96 9.50 -9.45
N HIS A 219 -8.33 10.77 -9.45
CA HIS A 219 -9.72 11.13 -9.73
C HIS A 219 -9.93 11.53 -11.18
N ALA A 220 -9.20 10.88 -12.11
CA ALA A 220 -9.28 11.25 -13.52
C ALA A 220 -9.17 10.07 -14.47
N THR A 221 -8.24 9.15 -14.24
CA THR A 221 -8.05 8.05 -15.18
C THR A 221 -9.34 7.26 -15.36
N GLY A 222 -9.75 7.08 -16.61
CA GLY A 222 -10.93 6.31 -16.94
C GLY A 222 -12.06 7.17 -17.49
N PHE A 223 -12.17 8.42 -17.04
CA PHE A 223 -13.33 9.23 -17.38
C PHE A 223 -13.04 10.69 -17.72
N MET A 224 -11.89 11.26 -17.35
CA MET A 224 -11.54 12.60 -17.82
C MET A 224 -11.01 12.52 -19.26
N GLY A 225 -11.37 13.52 -20.06
CA GLY A 225 -11.09 13.50 -21.49
C GLY A 225 -12.14 12.70 -22.25
N GLN A 226 -12.26 13.01 -23.54
CA GLN A 226 -13.32 12.44 -24.37
C GLN A 226 -13.22 10.92 -24.42
N ARG A 227 -12.00 10.39 -24.38
CA ARG A 227 -11.80 8.95 -24.32
C ARG A 227 -11.48 8.47 -22.91
N GLY A 228 -11.60 9.36 -21.92
CA GLY A 228 -11.43 8.92 -20.56
C GLY A 228 -10.01 8.58 -20.20
N ARG A 229 -9.02 9.12 -20.91
CA ARG A 229 -7.64 8.76 -20.63
C ARG A 229 -7.08 9.54 -19.45
N GLY A 230 -7.60 10.73 -19.17
CA GLY A 230 -7.17 11.47 -18.00
C GLY A 230 -7.24 12.97 -18.21
N THR A 231 -6.80 13.69 -17.18
CA THR A 231 -6.78 15.15 -17.20
C THR A 231 -5.93 15.66 -18.34
N HIS A 232 -4.83 14.96 -18.63
CA HIS A 232 -3.95 15.42 -19.69
C HIS A 232 -4.63 15.35 -21.04
N GLU A 233 -5.43 14.31 -21.29
CA GLU A 233 -6.24 14.31 -22.51
C GLU A 233 -7.22 15.49 -22.50
N ALA A 234 -7.88 15.70 -21.37
CA ALA A 234 -8.89 16.76 -21.26
C ALA A 234 -8.27 18.13 -21.52
N ARG A 235 -7.01 18.33 -21.14
CA ARG A 235 -6.33 19.61 -21.30
C ARG A 235 -5.48 19.67 -22.57
N GLY A 236 -5.60 18.69 -23.45
CA GLY A 236 -4.85 18.72 -24.70
C GLY A 236 -3.36 18.49 -24.61
N VAL A 237 -2.88 17.83 -23.54
CA VAL A 237 -1.45 17.58 -23.41
C VAL A 237 -1.19 16.09 -23.22
N PHE A 238 -2.07 15.26 -23.78
CA PHE A 238 -1.81 13.83 -23.85
C PHE A 238 -0.51 13.56 -24.59
N GLY A 239 0.30 12.65 -24.03
CA GLY A 239 1.62 12.42 -24.59
C GLY A 239 2.67 13.44 -24.22
N LYS A 240 2.32 14.45 -23.43
CA LYS A 240 3.29 15.48 -23.03
C LYS A 240 3.39 15.61 -21.51
N ILE A 241 3.20 14.52 -20.79
CA ILE A 241 3.31 14.47 -19.33
C ILE A 241 4.53 13.62 -18.99
N ASP A 242 5.41 14.14 -18.13
CA ASP A 242 6.60 13.37 -17.77
C ASP A 242 6.25 12.19 -16.86
N ILE A 243 5.45 12.43 -15.83
CA ILE A 243 5.15 11.40 -14.83
C ILE A 243 3.65 11.42 -14.56
N ILE A 244 3.03 10.25 -14.59
CA ILE A 244 1.66 10.05 -14.14
C ILE A 244 1.68 9.03 -13.01
N THR A 245 1.18 9.42 -11.86
CA THR A 245 0.89 8.44 -10.83
C THR A 245 -0.62 8.25 -10.75
N GLY A 246 -1.04 7.05 -10.38
CA GLY A 246 -2.47 6.79 -10.45
C GLY A 246 -2.84 5.53 -9.70
N THR A 247 -4.15 5.31 -9.63
CA THR A 247 -4.73 4.22 -8.87
C THR A 247 -5.60 3.36 -9.76
N LEU A 248 -5.63 2.09 -9.42
CA LEU A 248 -6.64 1.17 -9.94
C LEU A 248 -7.85 1.09 -9.01
N GLY A 249 -7.83 1.81 -7.89
CA GLY A 249 -8.83 1.65 -6.84
C GLY A 249 -10.00 2.61 -6.90
N1 LLP A 250 -3.74 10.56 -4.74
C2 LLP A 250 -4.93 11.10 -5.01
C2' LLP A 250 -4.99 12.44 -5.65
C3 LLP A 250 -6.10 10.41 -4.70
O3 LLP A 250 -7.28 11.00 -4.98
C4 LLP A 250 -6.03 9.14 -4.10
C4' LLP A 250 -7.26 8.40 -3.86
C5 LLP A 250 -4.76 8.59 -3.84
C6 LLP A 250 -3.66 9.35 -4.17
C5' LLP A 250 -4.57 7.26 -3.19
OP4 LLP A 250 -4.85 6.16 -4.10
P LLP A 250 -4.83 4.68 -3.47
OP1 LLP A 250 -6.19 4.47 -2.83
OP2 LLP A 250 -3.72 4.67 -2.43
OP3 LLP A 250 -4.56 3.78 -4.66
N LLP A 250 -10.04 3.44 -7.94
CA LLP A 250 -11.20 4.36 -8.10
CB LLP A 250 -10.70 5.82 -8.01
CG LLP A 250 -10.18 6.12 -6.61
CD LLP A 250 -9.63 7.50 -6.28
CE LLP A 250 -9.32 7.63 -4.79
NZ LLP A 250 -8.33 8.67 -4.53
C LLP A 250 -11.94 3.97 -9.38
O LLP A 250 -12.55 2.88 -9.36
N ALA A 251 -11.90 4.75 -10.45
CA ALA A 251 -12.71 4.42 -11.63
C ALA A 251 -12.34 3.08 -12.28
N LEU A 252 -11.09 2.64 -12.12
CA LEU A 252 -10.56 1.51 -12.87
C LEU A 252 -10.79 0.17 -12.21
N GLY A 253 -11.83 0.05 -11.38
CA GLY A 253 -12.14 -1.27 -10.83
C GLY A 253 -12.42 -1.27 -9.35
N GLY A 254 -11.71 -0.44 -8.59
CA GLY A 254 -12.06 -0.19 -7.20
C GLY A 254 -11.51 -1.16 -6.18
N ALA A 255 -10.67 -2.09 -6.58
CA ALA A 255 -10.20 -3.12 -5.64
C ALA A 255 -8.90 -2.74 -4.93
N SER A 256 -7.83 -2.53 -5.70
CA SER A 256 -6.53 -2.20 -5.15
C SER A 256 -5.55 -1.93 -6.27
N GLY A 257 -4.32 -1.56 -5.94
CA GLY A 257 -3.30 -1.34 -6.94
C GLY A 257 -3.17 0.13 -7.33
N GLY A 258 -2.01 0.45 -7.90
CA GLY A 258 -1.70 1.78 -8.40
C GLY A 258 -0.53 1.65 -9.35
N PHE A 259 -0.01 2.81 -9.78
CA PHE A 259 1.00 2.75 -10.82
C PHE A 259 1.71 4.09 -10.95
N THR A 260 2.91 4.04 -11.53
CA THR A 260 3.58 5.23 -12.06
C THR A 260 3.85 4.94 -13.52
N SER A 261 3.51 5.88 -14.39
CA SER A 261 3.62 5.71 -15.83
C SER A 261 4.48 6.84 -16.36
N ALA A 262 5.50 6.51 -17.16
CA ALA A 262 6.54 7.50 -17.45
C ALA A 262 7.41 7.01 -18.61
N ARG A 263 8.46 7.77 -18.90
CA ARG A 263 9.45 7.32 -19.87
C ARG A 263 10.10 6.03 -19.38
N LYS A 264 10.57 5.22 -20.33
CA LYS A 264 11.04 3.89 -19.99
C LYS A 264 12.19 3.93 -18.98
N GLU A 265 13.06 4.94 -19.03
CA GLU A 265 14.18 4.93 -18.08
C GLU A 265 13.74 5.31 -16.67
N VAL A 266 12.74 6.18 -16.54
CA VAL A 266 12.20 6.47 -15.21
C VAL A 266 11.58 5.22 -14.60
N VAL A 267 10.76 4.51 -15.39
CA VAL A 267 10.13 3.30 -14.89
C VAL A 267 11.19 2.27 -14.52
N ALA A 268 12.24 2.16 -15.33
CA ALA A 268 13.31 1.20 -15.04
C ALA A 268 14.01 1.52 -13.73
N LEU A 269 14.29 2.79 -13.47
CA LEU A 269 14.98 3.12 -12.24
C LEU A 269 14.07 2.92 -11.03
N LEU A 270 12.78 3.19 -11.19
CA LEU A 270 11.83 2.93 -10.12
C LEU A 270 11.81 1.44 -9.78
N ARG A 271 11.87 0.57 -10.79
CA ARG A 271 11.92 -0.86 -10.51
C ARG A 271 13.18 -1.24 -9.74
N GLN A 272 14.30 -0.57 -10.01
CA GLN A 272 15.55 -0.92 -9.36
C GLN A 272 15.61 -0.44 -7.92
N ARG A 273 14.91 0.66 -7.60
CA ARG A 273 15.23 1.42 -6.40
C ARG A 273 14.06 1.92 -5.60
N SER A 274 12.83 1.89 -6.11
CA SER A 274 11.70 2.47 -5.39
C SER A 274 11.33 1.58 -4.20
N ARG A 275 11.34 2.16 -3.01
CA ARG A 275 11.24 1.34 -1.81
C ARG A 275 9.91 0.63 -1.68
N PRO A 276 8.73 1.25 -1.94
CA PRO A 276 7.48 0.48 -1.89
C PRO A 276 7.42 -0.64 -2.92
N TYR A 277 8.16 -0.53 -4.02
CA TYR A 277 8.19 -1.60 -5.02
C TYR A 277 9.13 -2.74 -4.60
N LEU A 278 10.29 -2.40 -4.02
CA LEU A 278 11.26 -3.39 -3.56
C LEU A 278 10.80 -4.13 -2.30
N PHE A 279 10.00 -3.48 -1.44
CA PHE A 279 9.77 -3.97 -0.09
C PHE A 279 8.29 -4.16 0.23
N SER A 280 7.42 -4.22 -0.76
CA SER A 280 6.00 -4.48 -0.52
C SER A 280 5.49 -5.45 -1.57
N ASN A 281 4.45 -6.20 -1.20
CA ASN A 281 3.96 -7.31 -2.01
C ASN A 281 3.51 -6.83 -3.40
N THR A 282 3.72 -7.69 -4.39
CA THR A 282 3.21 -7.49 -5.74
C THR A 282 1.67 -7.49 -5.72
N VAL A 283 1.08 -6.88 -6.74
CA VAL A 283 -0.37 -6.80 -6.87
C VAL A 283 -0.95 -8.20 -7.10
N ALA A 284 -2.08 -8.49 -6.46
CA ALA A 284 -2.68 -9.82 -6.50
C ALA A 284 -3.12 -10.17 -7.92
N PRO A 285 -2.96 -11.43 -8.35
CA PRO A 285 -3.30 -11.76 -9.75
C PRO A 285 -4.74 -11.41 -10.15
N ALA A 286 -5.72 -11.63 -9.28
CA ALA A 286 -7.11 -11.35 -9.63
C ALA A 286 -7.33 -9.87 -9.92
N ILE A 287 -6.64 -9.00 -9.19
CA ILE A 287 -6.76 -7.55 -9.42
C ILE A 287 -6.09 -7.17 -10.75
N VAL A 288 -4.97 -7.81 -11.07
CA VAL A 288 -4.29 -7.54 -12.33
C VAL A 288 -5.18 -7.97 -13.51
N GLY A 289 -5.73 -9.17 -13.44
CA GLY A 289 -6.55 -9.67 -14.53
C GLY A 289 -7.81 -8.85 -14.73
N ALA A 290 -8.44 -8.43 -13.63
CA ALA A 290 -9.64 -7.62 -13.77
C ALA A 290 -9.32 -6.24 -14.30
N SER A 291 -8.13 -5.72 -13.99
CA SER A 291 -7.75 -4.40 -14.50
C SER A 291 -7.55 -4.45 -16.01
N ILE A 292 -7.04 -5.57 -16.52
CA ILE A 292 -6.94 -5.75 -17.96
C ILE A 292 -8.32 -5.71 -18.60
N ALA A 293 -9.30 -6.38 -17.99
CA ALA A 293 -10.67 -6.34 -18.52
C ALA A 293 -11.22 -4.92 -18.47
N VAL A 294 -10.94 -4.19 -17.38
CA VAL A 294 -11.36 -2.80 -17.27
C VAL A 294 -10.89 -2.01 -18.48
N LEU A 295 -9.62 -2.20 -18.87
CA LEU A 295 -9.11 -1.45 -20.01
C LEU A 295 -9.70 -1.94 -21.32
N ASP A 296 -10.01 -3.23 -21.44
CA ASP A 296 -10.76 -3.69 -22.61
C ASP A 296 -12.08 -2.96 -22.74
N ILE A 297 -12.82 -2.86 -21.63
CA ILE A 297 -14.12 -2.19 -21.64
C ILE A 297 -13.96 -0.73 -22.04
N LEU A 298 -13.05 -0.02 -21.37
CA LEU A 298 -12.95 1.42 -21.57
C LEU A 298 -12.36 1.78 -22.93
N GLU A 299 -11.57 0.88 -23.50
CA GLU A 299 -11.05 1.17 -24.84
C GLU A 299 -12.05 0.83 -25.93
N ALA A 300 -13.08 0.05 -25.61
CA ALA A 300 -14.07 -0.33 -26.62
C ALA A 300 -15.21 0.66 -26.75
N SER A 301 -15.47 1.47 -25.72
CA SER A 301 -16.60 2.40 -25.79
C SER A 301 -16.41 3.48 -24.73
N THR A 302 -16.92 4.68 -25.02
CA THR A 302 -16.92 5.76 -24.03
C THR A 302 -18.28 5.92 -23.34
N GLU A 303 -19.20 4.96 -23.49
CA GLU A 303 -20.56 5.15 -22.98
C GLU A 303 -20.60 5.35 -21.47
N LEU A 304 -19.70 4.70 -20.72
CA LEU A 304 -19.78 4.82 -19.26
C LEU A 304 -19.33 6.21 -18.82
N ARG A 305 -18.21 6.70 -19.35
CA ARG A 305 -17.80 8.05 -18.97
C ARG A 305 -18.73 9.11 -19.54
N ASP A 306 -19.41 8.81 -20.67
CA ASP A 306 -20.40 9.75 -21.17
C ASP A 306 -21.61 9.80 -20.23
N ARG A 307 -22.03 8.63 -19.74
CA ARG A 307 -23.17 8.61 -18.82
C ARG A 307 -22.81 9.31 -17.52
N LEU A 308 -21.56 9.19 -17.08
CA LEU A 308 -21.11 9.88 -15.88
C LEU A 308 -21.16 11.39 -16.06
N GLU A 309 -20.76 11.86 -17.24
CA GLU A 309 -20.78 13.29 -17.52
C GLU A 309 -22.20 13.83 -17.50
N GLY A 310 -23.15 13.10 -18.09
CA GLY A 310 -24.54 13.52 -18.08
C GLY A 310 -25.14 13.51 -16.69
N ASN A 311 -24.88 12.46 -15.91
CA ASN A 311 -25.37 12.43 -14.54
C ASN A 311 -24.81 13.59 -13.72
N THR A 312 -23.54 13.91 -13.93
CA THR A 312 -22.94 15.00 -13.16
C THR A 312 -23.57 16.34 -13.52
N ARG A 313 -23.78 16.58 -14.81
CA ARG A 313 -24.40 17.84 -15.22
C ARG A 313 -25.79 17.96 -14.62
N PHE A 314 -26.56 16.88 -14.70
CA PHE A 314 -27.91 16.87 -14.13
C PHE A 314 -27.88 17.16 -12.63
N PHE A 315 -26.96 16.52 -11.90
CA PHE A 315 -27.00 16.65 -10.44
C PHE A 315 -26.49 18.02 -9.98
N ARG A 316 -25.42 18.52 -10.59
CA ARG A 316 -24.96 19.86 -10.28
C ARG A 316 -26.04 20.90 -10.57
N ALA A 317 -26.74 20.75 -11.70
CA ALA A 317 -27.81 21.69 -12.02
C ALA A 317 -28.93 21.63 -10.99
N GLY A 318 -29.24 20.43 -10.50
CA GLY A 318 -30.27 20.31 -9.48
C GLY A 318 -29.85 20.93 -8.16
N LEU A 319 -28.62 20.68 -7.73
CA LEU A 319 -28.14 21.28 -6.49
C LEU A 319 -28.10 22.79 -6.60
N ASP A 320 -27.77 23.30 -7.78
CA ASP A 320 -27.78 24.75 -7.99
C ASP A 320 -29.20 25.30 -7.90
N ARG A 321 -30.13 24.62 -8.58
CA ARG A 321 -31.54 25.01 -8.53
C ARG A 321 -32.06 25.04 -7.10
N LEU A 322 -31.67 24.06 -6.29
CA LEU A 322 -32.14 23.97 -4.91
C LEU A 322 -31.51 25.01 -4.00
N GLY A 323 -30.38 25.60 -4.40
CA GLY A 323 -29.76 26.67 -3.65
C GLY A 323 -28.53 26.28 -2.83
N PHE A 324 -27.91 25.14 -3.10
CA PHE A 324 -26.78 24.73 -2.28
C PHE A 324 -25.52 25.52 -2.61
N ASP A 325 -24.59 25.52 -1.66
CA ASP A 325 -23.26 26.12 -1.81
C ASP A 325 -22.32 25.05 -2.34
N VAL A 326 -22.10 25.03 -3.65
CA VAL A 326 -21.35 23.99 -4.34
C VAL A 326 -20.10 24.60 -4.96
N LYS A 327 -18.95 23.95 -4.77
CA LYS A 327 -17.75 24.43 -5.41
C LYS A 327 -17.92 24.42 -6.93
N ALA A 328 -17.47 25.51 -7.56
CA ALA A 328 -17.60 25.64 -9.01
C ALA A 328 -16.79 24.56 -9.71
N GLY A 329 -17.31 24.07 -10.81
CA GLY A 329 -16.64 23.06 -11.60
C GLY A 329 -17.64 22.19 -12.32
N ASP A 330 -17.10 21.23 -13.07
CA ASP A 330 -17.91 20.28 -13.81
C ASP A 330 -17.60 18.83 -13.44
N HIS A 331 -16.71 18.62 -12.47
CA HIS A 331 -16.24 17.27 -12.18
C HIS A 331 -17.28 16.46 -11.39
N PRO A 332 -17.27 15.13 -11.53
CA PRO A 332 -18.17 14.28 -10.74
C PRO A 332 -18.02 14.42 -9.24
N ILE A 333 -16.90 14.94 -8.75
CA ILE A 333 -16.73 15.33 -7.35
C ILE A 333 -17.50 16.64 -7.15
N ILE A 334 -18.55 16.60 -6.36
CA ILE A 334 -19.43 17.74 -6.14
C ILE A 334 -19.34 18.13 -4.67
N PRO A 335 -18.53 19.14 -4.34
CA PRO A 335 -18.38 19.49 -2.92
C PRO A 335 -19.47 20.43 -2.44
N ILE A 336 -20.31 19.96 -1.54
CA ILE A 336 -21.35 20.78 -0.93
C ILE A 336 -20.78 21.34 0.37
N MET A 337 -20.54 22.65 0.39
CA MET A 337 -19.83 23.29 1.50
C MET A 337 -20.78 23.61 2.64
N VAL A 338 -20.46 23.08 3.83
CA VAL A 338 -21.19 23.41 5.04
C VAL A 338 -20.31 24.11 6.09
N TYR A 339 -18.98 24.03 5.97
CA TYR A 339 -18.02 24.73 6.82
C TYR A 339 -17.94 24.17 8.25
N ASP A 340 -19.09 24.01 8.90
CA ASP A 340 -19.16 23.52 10.27
C ASP A 340 -19.29 22.00 10.30
N ALA A 341 -18.40 21.35 11.05
CA ALA A 341 -18.38 19.88 11.08
C ALA A 341 -19.69 19.30 11.60
N ASP A 342 -20.26 19.91 12.66
CA ASP A 342 -21.53 19.43 13.21
C ASP A 342 -22.61 19.36 12.13
N LYS A 343 -22.78 20.43 11.37
CA LYS A 343 -23.84 20.43 10.37
C LYS A 343 -23.50 19.48 9.21
N ALA A 344 -22.22 19.23 8.95
CA ALA A 344 -21.87 18.20 7.98
C ALA A 344 -22.36 16.83 8.42
N GLN A 345 -22.09 16.47 9.67
CA GLN A 345 -22.57 15.18 10.18
C GLN A 345 -24.09 15.16 10.28
N GLN A 346 -24.69 16.31 10.62
CA GLN A 346 -26.15 16.40 10.70
C GLN A 346 -26.78 16.16 9.33
N LEU A 347 -26.24 16.79 8.29
CA LEU A 347 -26.78 16.64 6.96
C LEU A 347 -26.63 15.21 6.46
N ALA A 348 -25.46 14.61 6.69
CA ALA A 348 -25.25 13.24 6.26
C ALA A 348 -26.17 12.28 7.00
N GLN A 349 -26.40 12.50 8.28
CA GLN A 349 -27.29 11.65 9.05
C GLN A 349 -28.74 11.78 8.56
N ARG A 350 -29.19 13.01 8.32
CA ARG A 350 -30.57 13.20 7.87
C ARG A 350 -30.77 12.61 6.47
N LEU A 351 -29.79 12.80 5.59
CA LEU A 351 -29.89 12.22 4.25
C LEU A 351 -29.99 10.70 4.31
N LEU A 352 -29.28 10.07 5.26
CA LEU A 352 -29.38 8.63 5.39
C LEU A 352 -30.80 8.20 5.75
N GLU A 353 -31.43 8.94 6.68
CA GLU A 353 -32.82 8.66 7.03
C GLU A 353 -33.73 8.81 5.83
N LEU A 354 -33.42 9.75 4.93
CA LEU A 354 -34.19 10.00 3.72
C LEU A 354 -33.78 9.12 2.55
N GLY A 355 -32.87 8.16 2.76
CA GLY A 355 -32.54 7.17 1.75
C GLY A 355 -31.29 7.44 0.94
N VAL A 356 -30.44 8.39 1.35
CA VAL A 356 -29.25 8.77 0.60
C VAL A 356 -28.03 8.57 1.49
N TYR A 357 -27.02 7.85 0.96
CA TYR A 357 -25.76 7.58 1.66
C TYR A 357 -24.73 8.60 1.18
N VAL A 358 -24.43 9.59 2.04
CA VAL A 358 -23.26 10.44 1.89
C VAL A 358 -22.60 10.52 3.26
N VAL A 359 -21.41 11.12 3.29
CA VAL A 359 -20.58 11.13 4.49
C VAL A 359 -19.99 12.53 4.68
N GLY A 360 -19.98 12.99 5.94
CA GLY A 360 -19.40 14.29 6.22
C GLY A 360 -17.88 14.28 6.11
N PHE A 361 -17.34 15.33 5.50
CA PHE A 361 -15.91 15.55 5.38
C PHE A 361 -15.50 16.68 6.29
N PHE A 362 -14.50 16.45 7.14
CA PHE A 362 -14.02 17.44 8.07
C PHE A 362 -12.60 17.09 8.46
N TYR A 363 -11.99 17.95 9.27
CA TYR A 363 -10.58 17.82 9.62
C TYR A 363 -10.29 16.42 10.17
N PRO A 364 -9.14 15.80 9.84
CA PRO A 364 -8.05 16.31 8.99
C PRO A 364 -8.23 16.07 7.48
N VAL A 365 -9.37 15.51 7.07
CA VAL A 365 -9.56 15.19 5.66
C VAL A 365 -9.64 16.46 4.84
N VAL A 366 -10.26 17.49 5.40
CA VAL A 366 -10.33 18.84 4.82
C VAL A 366 -10.09 19.83 5.94
N PRO A 367 -9.76 21.08 5.59
CA PRO A 367 -9.37 22.03 6.64
C PRO A 367 -10.47 22.32 7.65
N LYS A 368 -10.04 22.65 8.86
CA LYS A 368 -10.96 23.13 9.90
C LYS A 368 -11.71 24.36 9.40
N GLY A 369 -13.02 24.39 9.65
CA GLY A 369 -13.87 25.45 9.16
C GLY A 369 -14.27 25.31 7.71
N GLN A 370 -13.88 24.23 7.04
CA GLN A 370 -14.18 24.02 5.63
C GLN A 370 -14.84 22.67 5.40
N ALA A 371 -15.66 22.23 6.37
CA ALA A 371 -16.30 20.93 6.27
C ALA A 371 -17.29 20.92 5.12
N ARG A 372 -17.62 19.72 4.66
CA ARG A 372 -18.40 19.61 3.43
C ARG A 372 -18.96 18.20 3.33
N ILE A 373 -19.92 18.04 2.43
CA ILE A 373 -20.35 16.74 1.93
C ILE A 373 -19.75 16.58 0.54
N ARG A 374 -18.81 15.65 0.37
CA ARG A 374 -18.27 15.40 -0.97
C ARG A 374 -19.19 14.41 -1.67
N VAL A 375 -20.05 14.91 -2.52
CA VAL A 375 -20.89 14.04 -3.32
C VAL A 375 -20.08 13.56 -4.51
N GLN A 376 -20.26 12.31 -4.90
CA GLN A 376 -19.60 11.77 -6.09
C GLN A 376 -20.62 11.09 -6.97
N MET A 377 -20.70 11.53 -8.22
CA MET A 377 -21.57 10.90 -9.19
C MET A 377 -20.94 9.63 -9.77
N SER A 378 -21.79 8.76 -10.28
CA SER A 378 -21.35 7.52 -10.91
C SER A 378 -22.17 7.28 -12.17
N ALA A 379 -21.56 6.62 -13.16
CA ALA A 379 -22.32 6.21 -14.34
C ALA A 379 -23.47 5.28 -13.99
N LEU A 380 -23.44 4.65 -12.80
CA LEU A 380 -24.45 3.64 -12.46
C LEU A 380 -25.86 4.22 -12.37
N HIS A 381 -25.99 5.42 -11.82
CA HIS A 381 -27.32 5.90 -11.43
C HIS A 381 -28.16 6.29 -12.64
N ASP A 382 -29.46 5.99 -12.58
CA ASP A 382 -30.43 6.50 -13.53
C ASP A 382 -31.02 7.82 -13.02
N GLU A 383 -31.64 8.56 -13.94
CA GLU A 383 -32.16 9.88 -13.61
C GLU A 383 -33.20 9.82 -12.50
N ALA A 384 -34.00 8.75 -12.45
CA ALA A 384 -35.01 8.63 -11.41
C ALA A 384 -34.39 8.53 -10.02
N ALA A 385 -33.30 7.78 -9.89
CA ALA A 385 -32.62 7.72 -8.60
C ALA A 385 -31.94 9.05 -8.26
N LEU A 386 -31.38 9.72 -9.25
CA LEU A 386 -30.76 11.01 -8.99
C LEU A 386 -31.82 12.04 -8.59
N GLN A 387 -33.01 11.98 -9.20
CA GLN A 387 -34.07 12.91 -8.82
C GLN A 387 -34.56 12.62 -7.41
N ALA A 388 -34.72 11.35 -7.05
CA ALA A 388 -35.07 11.01 -5.69
C ALA A 388 -34.05 11.58 -4.72
N ALA A 389 -32.77 11.47 -5.07
CA ALA A 389 -31.71 11.99 -4.21
C ALA A 389 -31.74 13.52 -4.14
N LEU A 390 -31.98 14.18 -5.27
CA LEU A 390 -32.14 15.62 -5.25
C LEU A 390 -33.26 16.03 -4.29
N ASP A 391 -34.39 15.34 -4.36
CA ASP A 391 -35.51 15.66 -3.48
C ASP A 391 -35.11 15.48 -2.02
N ALA A 392 -34.35 14.43 -1.72
CA ALA A 392 -33.87 14.23 -0.35
C ALA A 392 -32.94 15.35 0.06
N PHE A 393 -32.04 15.77 -0.83
CA PHE A 393 -31.16 16.89 -0.52
C PHE A 393 -31.97 18.15 -0.26
N GLY A 394 -33.01 18.39 -1.07
CA GLY A 394 -33.82 19.58 -0.88
C GLY A 394 -34.50 19.58 0.48
N GLN A 395 -35.15 18.47 0.82
CA GLN A 395 -35.87 18.38 2.08
C GLN A 395 -34.92 18.47 3.27
N ALA A 396 -33.83 17.70 3.24
CA ALA A 396 -32.85 17.76 4.32
C ALA A 396 -32.24 19.15 4.43
N GLY A 397 -31.94 19.77 3.28
CA GLY A 397 -31.34 21.09 3.32
C GLY A 397 -32.27 22.15 3.90
N ARG A 398 -33.56 22.08 3.57
CA ARG A 398 -34.52 23.03 4.13
C ARG A 398 -34.76 22.76 5.61
N GLU A 399 -34.87 21.49 6.00
CA GLU A 399 -34.99 21.16 7.42
C GLU A 399 -33.83 21.72 8.22
N LEU A 400 -32.62 21.68 7.65
CA LEU A 400 -31.41 22.03 8.36
C LEU A 400 -31.01 23.48 8.14
N GLY A 401 -31.88 24.29 7.57
CA GLY A 401 -31.58 25.70 7.39
C GLY A 401 -30.45 25.98 6.42
N LEU A 402 -30.14 25.05 5.52
CA LEU A 402 -29.04 25.23 4.59
C LEU A 402 -29.44 25.95 3.32
N ILE A 403 -30.69 25.79 2.88
CA ILE A 403 -31.18 26.45 1.68
C ILE A 403 -32.51 27.11 1.99
N MET B 5 20.78 21.77 -24.54
CA MET B 5 20.17 20.64 -23.82
C MET B 5 19.19 21.21 -22.82
N SER B 6 17.93 20.79 -22.89
CA SER B 6 16.97 21.24 -21.89
C SER B 6 17.24 20.55 -20.57
N ASN B 7 16.87 21.22 -19.48
CA ASN B 7 17.02 20.61 -18.16
C ASN B 7 16.29 19.29 -18.08
N ALA B 8 15.09 19.22 -18.67
CA ALA B 8 14.29 18.00 -18.60
C ALA B 8 15.01 16.83 -19.27
N GLU B 9 15.63 17.07 -20.42
CA GLU B 9 16.32 15.96 -21.08
C GLU B 9 17.62 15.61 -20.38
N ALA B 10 18.31 16.61 -19.80
CA ALA B 10 19.45 16.29 -18.94
C ALA B 10 19.04 15.39 -17.78
N PHE B 11 17.89 15.68 -17.18
CA PHE B 11 17.37 14.81 -16.14
C PHE B 11 17.28 13.37 -16.62
N TYR B 12 16.71 13.15 -17.81
CA TYR B 12 16.59 11.79 -18.31
C TYR B 12 17.96 11.17 -18.59
N ALA B 13 18.92 11.97 -19.06
CA ALA B 13 20.27 11.47 -19.23
C ALA B 13 20.88 11.02 -17.90
N SER B 14 20.63 11.78 -16.83
CA SER B 14 21.18 11.37 -15.54
C SER B 14 20.54 10.10 -15.05
N ILE B 15 19.24 9.90 -15.33
CA ILE B 15 18.58 8.64 -14.99
C ILE B 15 19.19 7.48 -15.78
N ARG B 16 19.35 7.66 -17.10
CA ARG B 16 19.97 6.61 -17.92
C ARG B 16 21.40 6.32 -17.47
N THR B 17 22.15 7.36 -17.13
CA THR B 17 23.51 7.15 -16.63
C THR B 17 23.52 6.31 -15.35
N GLU B 18 22.59 6.61 -14.43
CA GLU B 18 22.50 5.84 -13.20
C GLU B 18 22.14 4.38 -13.48
N LEU B 19 21.22 4.14 -14.42
CA LEU B 19 20.85 2.76 -14.73
C LEU B 19 22.03 1.99 -15.29
N GLU B 20 22.84 2.64 -16.13
CA GLU B 20 24.01 1.97 -16.70
C GLU B 20 25.05 1.66 -15.61
N SER B 21 25.23 2.57 -14.66
CA SER B 21 26.14 2.30 -13.54
C SER B 21 25.68 1.10 -12.72
N ILE B 22 24.37 1.00 -12.46
CA ILE B 22 23.83 -0.16 -11.76
C ILE B 22 24.16 -1.43 -12.51
N ARG B 23 23.91 -1.43 -13.83
CA ARG B 23 24.23 -2.60 -14.66
C ARG B 23 25.72 -2.93 -14.59
N ALA B 24 26.57 -1.91 -14.71
CA ALA B 24 28.01 -2.15 -14.75
C ALA B 24 28.54 -2.68 -13.42
N ALA B 25 27.92 -2.28 -12.30
CA ALA B 25 28.32 -2.78 -10.99
C ALA B 25 27.77 -4.17 -10.69
N GLY B 26 26.99 -4.76 -11.60
CA GLY B 26 26.39 -6.05 -11.34
C GLY B 26 25.20 -6.03 -10.40
N LEU B 27 24.55 -4.88 -10.22
CA LEU B 27 23.46 -4.74 -9.27
C LEU B 27 22.08 -4.75 -9.91
N PHE B 28 21.99 -4.90 -11.22
CA PHE B 28 20.70 -4.77 -11.90
C PHE B 28 19.81 -5.95 -11.55
N LYS B 29 18.58 -5.65 -11.12
CA LYS B 29 17.61 -6.67 -10.76
C LYS B 29 16.81 -7.06 -12.00
N ASN B 30 16.75 -8.37 -12.27
CA ASN B 30 16.01 -8.91 -13.41
C ASN B 30 14.72 -9.57 -12.93
N GLU B 31 13.60 -9.20 -13.54
CA GLU B 31 12.31 -9.81 -13.23
C GLU B 31 12.10 -11.03 -14.12
N ARG B 32 11.96 -12.20 -13.50
CA ARG B 32 11.60 -13.40 -14.24
C ARG B 32 10.08 -13.51 -14.28
N VAL B 33 9.54 -13.69 -15.48
CA VAL B 33 8.10 -13.60 -15.69
C VAL B 33 7.49 -14.99 -15.55
N ILE B 34 6.73 -15.18 -14.48
CA ILE B 34 6.12 -16.47 -14.13
C ILE B 34 4.80 -16.60 -14.86
N ALA B 35 4.51 -17.79 -15.39
CA ALA B 35 3.29 -18.04 -16.16
C ALA B 35 2.20 -18.74 -15.37
N THR B 36 2.52 -19.26 -14.19
CA THR B 36 1.68 -20.14 -13.40
C THR B 36 1.24 -19.47 -12.12
N PRO B 37 0.29 -20.06 -11.38
CA PRO B 37 0.07 -19.64 -10.01
C PRO B 37 1.36 -19.81 -9.20
N GLN B 38 1.41 -19.14 -8.06
CA GLN B 38 2.51 -19.37 -7.14
C GLN B 38 2.38 -20.78 -6.56
N GLY B 39 3.52 -21.40 -6.28
CA GLY B 39 3.47 -22.75 -5.76
C GLY B 39 4.85 -23.28 -5.45
N ALA B 40 4.87 -24.54 -5.02
CA ALA B 40 6.12 -25.21 -4.73
C ALA B 40 7.02 -25.25 -5.95
N ARG B 41 6.43 -25.44 -7.13
CA ARG B 41 7.11 -25.26 -8.40
C ARG B 41 6.35 -24.21 -9.21
N VAL B 42 7.11 -23.46 -10.01
CA VAL B 42 6.54 -22.51 -10.96
C VAL B 42 7.23 -22.71 -12.30
N ARG B 43 6.66 -22.09 -13.33
CA ARG B 43 7.24 -22.13 -14.67
C ARG B 43 7.20 -20.72 -15.26
N THR B 44 8.33 -20.28 -15.80
CA THR B 44 8.40 -18.96 -16.39
C THR B 44 7.82 -18.99 -17.80
N THR B 45 7.73 -17.81 -18.43
CA THR B 45 7.13 -17.70 -19.75
C THR B 45 7.95 -18.42 -20.82
N ASP B 46 9.23 -18.70 -20.56
CA ASP B 46 10.05 -19.42 -21.51
C ASP B 46 9.99 -20.94 -21.29
N GLY B 47 9.13 -21.41 -20.40
CA GLY B 47 8.93 -22.83 -20.18
C GLY B 47 9.82 -23.46 -19.14
N ARG B 48 10.75 -22.71 -18.55
CA ARG B 48 11.61 -23.25 -17.51
C ARG B 48 10.80 -23.52 -16.24
N GLU B 49 10.78 -24.78 -15.81
CA GLU B 49 10.13 -25.18 -14.57
C GLU B 49 11.19 -25.24 -13.46
N VAL B 50 10.86 -24.67 -12.30
CA VAL B 50 11.81 -24.57 -11.20
C VAL B 50 11.11 -24.93 -9.89
N ILE B 51 11.87 -25.50 -8.96
CA ILE B 51 11.45 -25.52 -7.57
C ILE B 51 11.62 -24.12 -7.00
N ASN B 52 10.57 -23.59 -6.38
CA ASN B 52 10.58 -22.21 -5.92
C ASN B 52 10.96 -22.19 -4.45
N LEU B 53 12.18 -21.71 -4.17
CA LEU B 53 12.70 -21.58 -2.82
C LEU B 53 12.91 -20.13 -2.42
N CYS B 54 12.17 -19.19 -3.01
CA CYS B 54 12.35 -17.81 -2.55
C CYS B 54 11.04 -17.04 -2.50
N ALA B 55 9.94 -17.72 -2.16
CA ALA B 55 8.66 -17.06 -1.93
C ALA B 55 8.35 -16.95 -0.45
N ASN B 56 7.49 -15.98 -0.12
CA ASN B 56 6.98 -15.81 1.23
C ASN B 56 5.76 -16.67 1.50
N ASN B 57 5.55 -17.71 0.68
CA ASN B 57 4.37 -18.57 0.72
C ASN B 57 4.55 -19.68 1.76
N TYR B 58 4.74 -19.26 3.03
CA TYR B 58 5.26 -20.15 4.06
C TYR B 58 4.37 -21.35 4.32
N LEU B 59 3.05 -21.17 4.22
CA LEU B 59 2.09 -22.22 4.56
C LEU B 59 1.35 -22.74 3.34
N GLY B 60 1.77 -22.35 2.14
CA GLY B 60 1.11 -22.80 0.93
C GLY B 60 -0.29 -22.28 0.73
N LEU B 61 -0.67 -21.20 1.42
CA LEU B 61 -2.01 -20.69 1.26
C LEU B 61 -2.16 -19.81 0.02
N SER B 62 -1.06 -19.43 -0.66
CA SER B 62 -1.16 -18.57 -1.83
C SER B 62 -2.01 -19.17 -2.93
N SER B 63 -2.05 -20.51 -3.00
CA SER B 63 -2.87 -21.24 -3.97
C SER B 63 -3.59 -22.42 -3.29
N HIS B 64 -3.85 -22.31 -1.99
CA HIS B 64 -4.63 -23.33 -1.30
C HIS B 64 -6.07 -23.34 -1.82
N PRO B 65 -6.67 -24.52 -2.00
CA PRO B 65 -7.99 -24.58 -2.65
C PRO B 65 -9.13 -23.95 -1.85
N GLN B 66 -9.12 -24.09 -0.52
CA GLN B 66 -10.17 -23.45 0.29
C GLN B 66 -9.99 -21.93 0.35
N VAL B 67 -8.77 -21.44 0.20
CA VAL B 67 -8.54 -20.00 0.18
C VAL B 67 -9.05 -19.42 -1.13
N ILE B 68 -8.70 -20.06 -2.25
CA ILE B 68 -9.20 -19.65 -3.56
C ILE B 68 -10.72 -19.68 -3.57
N GLU B 69 -11.32 -20.70 -2.94
CA GLU B 69 -12.78 -20.80 -2.94
C GLU B 69 -13.41 -19.70 -2.08
N ALA B 70 -12.79 -19.38 -0.95
CA ALA B 70 -13.29 -18.26 -0.16
C ALA B 70 -13.20 -16.95 -0.95
N ALA B 71 -12.16 -16.81 -1.78
CA ALA B 71 -12.03 -15.61 -2.60
C ALA B 71 -13.13 -15.55 -3.65
N HIS B 72 -13.37 -16.65 -4.37
CA HIS B 72 -14.51 -16.71 -5.30
C HIS B 72 -15.80 -16.36 -4.58
N GLU B 73 -16.01 -16.93 -3.41
CA GLU B 73 -17.26 -16.72 -2.68
C GLU B 73 -17.42 -15.25 -2.30
N ALA B 74 -16.35 -14.59 -1.85
CA ALA B 74 -16.48 -13.20 -1.46
C ALA B 74 -16.71 -12.30 -2.67
N LEU B 75 -16.15 -12.65 -3.82
CA LEU B 75 -16.48 -11.92 -5.04
C LEU B 75 -17.98 -11.98 -5.32
N ARG B 76 -18.59 -13.14 -5.07
CA ARG B 76 -20.02 -13.29 -5.34
C ARG B 76 -20.86 -12.51 -4.34
N THR B 77 -20.50 -12.58 -3.05
CA THR B 77 -21.30 -11.96 -2.00
C THR B 77 -20.98 -10.48 -1.80
N HIS B 78 -19.72 -10.07 -2.00
CA HIS B 78 -19.32 -8.72 -1.63
C HIS B 78 -18.61 -7.94 -2.74
N GLY B 79 -18.48 -8.51 -3.93
CA GLY B 79 -18.05 -7.74 -5.09
C GLY B 79 -16.55 -7.75 -5.29
N PHE B 80 -16.12 -7.00 -6.32
CA PHE B 80 -14.71 -6.96 -6.65
C PHE B 80 -13.99 -5.79 -5.95
N GLY B 81 -14.50 -4.58 -6.11
CA GLY B 81 -13.87 -3.42 -5.49
C GLY B 81 -14.86 -2.66 -4.64
N LEU B 82 -14.32 -1.94 -3.66
CA LEU B 82 -15.16 -1.04 -2.89
C LEU B 82 -14.98 0.40 -3.29
N SER B 83 -13.88 0.72 -3.97
CA SER B 83 -13.58 2.07 -4.44
C SER B 83 -13.92 3.12 -3.40
N SER B 84 -13.40 2.94 -2.19
CA SER B 84 -13.63 3.95 -1.18
C SER B 84 -12.66 3.71 -0.03
N VAL B 85 -12.26 4.77 0.64
CA VAL B 85 -11.55 4.63 1.90
C VAL B 85 -12.53 4.20 2.99
N ARG B 86 -12.00 3.74 4.12
CA ARG B 86 -12.84 3.08 5.12
C ARG B 86 -13.93 4.01 5.69
N PHE B 87 -13.59 5.28 5.93
CA PHE B 87 -14.56 6.13 6.64
C PHE B 87 -15.74 6.55 5.77
N ILE B 88 -15.65 6.41 4.45
CA ILE B 88 -16.75 6.84 3.60
C ILE B 88 -17.69 5.66 3.34
N CYS B 89 -17.39 4.84 2.32
CA CYS B 89 -18.19 3.66 2.05
C CYS B 89 -17.30 2.48 1.68
N GLY B 90 -16.23 2.29 2.45
CA GLY B 90 -15.31 1.20 2.19
C GLY B 90 -15.22 0.19 3.31
N THR B 91 -16.13 0.27 4.31
CA THR B 91 -16.16 -0.70 5.40
C THR B 91 -17.30 -1.67 5.15
N GLN B 92 -16.97 -2.94 4.93
CA GLN B 92 -17.99 -3.97 4.91
C GLN B 92 -17.99 -4.74 6.23
N ASP B 93 -19.03 -5.55 6.44
CA ASP B 93 -19.01 -6.41 7.61
C ASP B 93 -17.79 -7.32 7.57
N LEU B 94 -17.37 -7.73 6.36
CA LEU B 94 -16.16 -8.53 6.23
C LEU B 94 -14.98 -7.88 6.94
N HIS B 95 -14.78 -6.57 6.75
CA HIS B 95 -13.61 -5.91 7.34
C HIS B 95 -13.69 -5.93 8.86
N LYS B 96 -14.87 -5.71 9.44
CA LYS B 96 -14.96 -5.72 10.89
C LYS B 96 -14.74 -7.12 11.44
N THR B 97 -15.24 -8.15 10.74
CA THR B 97 -15.00 -9.52 11.16
C THR B 97 -13.51 -9.83 11.14
N LEU B 98 -12.83 -9.50 10.04
CA LEU B 98 -11.40 -9.80 9.98
C LEU B 98 -10.63 -9.07 11.07
N GLU B 99 -10.96 -7.80 11.34
CA GLU B 99 -10.25 -7.08 12.39
C GLU B 99 -10.45 -7.77 13.76
N ALA B 100 -11.67 -8.24 14.03
CA ALA B 100 -11.90 -8.93 15.30
C ALA B 100 -11.19 -10.27 15.33
N ARG B 101 -11.16 -10.98 14.19
CA ARG B 101 -10.50 -12.28 14.17
C ARG B 101 -9.00 -12.12 14.31
N LEU B 102 -8.40 -11.10 13.66
CA LEU B 102 -6.98 -10.88 13.85
C LEU B 102 -6.65 -10.49 15.28
N SER B 103 -7.49 -9.66 15.92
CA SER B 103 -7.24 -9.25 17.29
C SER B 103 -7.18 -10.47 18.22
N ALA B 104 -8.13 -11.39 18.05
CA ALA B 104 -8.14 -12.59 18.89
C ALA B 104 -6.95 -13.48 18.59
N PHE B 105 -6.62 -13.63 17.30
CA PHE B 105 -5.48 -14.44 16.89
C PHE B 105 -4.18 -13.92 17.49
N LEU B 106 -4.00 -12.59 17.50
CA LEU B 106 -2.75 -11.99 17.95
C LEU B 106 -2.72 -11.61 19.42
N GLY B 107 -3.85 -11.67 20.12
CA GLY B 107 -3.86 -11.36 21.53
C GLY B 107 -4.01 -9.91 21.89
N THR B 108 -4.56 -9.09 21.00
CA THR B 108 -4.72 -7.66 21.19
C THR B 108 -6.20 -7.29 21.26
N GLU B 109 -6.44 -6.04 21.61
CA GLU B 109 -7.80 -5.57 21.80
C GLU B 109 -8.49 -5.26 20.49
N ASP B 110 -7.77 -4.71 19.50
CA ASP B 110 -8.40 -4.30 18.26
C ASP B 110 -7.35 -4.30 17.16
N THR B 111 -7.82 -4.14 15.93
CA THR B 111 -6.96 -4.21 14.76
C THR B 111 -7.52 -3.27 13.71
N ILE B 112 -6.63 -2.57 13.00
CA ILE B 112 -7.00 -1.67 11.92
C ILE B 112 -6.32 -2.18 10.64
N LEU B 113 -7.13 -2.48 9.63
CA LEU B 113 -6.60 -2.97 8.35
C LEU B 113 -5.99 -1.86 7.53
N TYR B 114 -4.92 -2.21 6.81
CA TYR B 114 -4.29 -1.35 5.82
C TYR B 114 -4.15 -2.12 4.51
N GLY B 115 -3.84 -1.39 3.43
CA GLY B 115 -3.56 -2.04 2.15
C GLY B 115 -2.34 -2.93 2.16
N SER B 116 -1.43 -2.74 3.12
CA SER B 116 -0.15 -3.43 3.15
C SER B 116 0.50 -3.17 4.49
N ALA B 117 1.44 -4.05 4.88
CA ALA B 117 2.22 -3.76 6.07
C ALA B 117 3.13 -2.56 5.83
N PHE B 118 3.59 -2.37 4.60
CA PHE B 118 4.38 -1.18 4.28
C PHE B 118 3.64 0.08 4.70
N ASP B 119 2.34 0.16 4.39
CA ASP B 119 1.58 1.34 4.75
C ASP B 119 1.11 1.33 6.20
N ALA B 120 0.94 0.15 6.80
CA ALA B 120 0.71 0.11 8.24
C ALA B 120 1.85 0.78 8.98
N ASN B 121 3.09 0.42 8.65
CA ASN B 121 4.24 1.05 9.28
C ASN B 121 4.33 2.53 8.90
N GLY B 122 4.08 2.86 7.63
CA GLY B 122 4.15 4.25 7.21
C GLY B 122 3.17 5.13 7.96
N GLY B 123 1.99 4.60 8.27
CA GLY B 123 0.92 5.32 8.95
C GLY B 123 0.91 5.15 10.45
N LEU B 124 1.93 4.53 11.03
CA LEU B 124 1.93 4.22 12.45
C LEU B 124 2.52 5.35 13.31
N PHE B 125 3.77 5.70 13.05
CA PHE B 125 4.55 6.46 14.02
C PHE B 125 4.11 7.91 14.07
N GLU B 126 3.78 8.50 12.93
CA GLU B 126 3.39 9.91 12.88
C GLU B 126 2.15 10.17 13.71
N THR B 127 1.21 9.23 13.72
CA THR B 127 -0.03 9.43 14.46
C THR B 127 0.19 9.30 15.97
N LEU B 128 1.05 8.36 16.36
CA LEU B 128 1.19 8.00 17.77
C LEU B 128 2.29 8.75 18.51
N LEU B 129 3.30 9.26 17.81
CA LEU B 129 4.44 9.86 18.49
C LEU B 129 4.70 11.25 17.93
N GLY B 130 5.16 12.13 18.80
CA GLY B 130 5.56 13.46 18.38
C GLY B 130 7.00 13.79 18.72
N ALA B 131 7.35 15.08 18.61
CA ALA B 131 8.74 15.52 18.76
C ALA B 131 9.30 15.29 20.14
N GLU B 132 8.45 15.17 21.16
CA GLU B 132 8.97 14.91 22.50
C GLU B 132 9.20 13.43 22.75
N ASP B 133 8.77 12.56 21.85
CA ASP B 133 8.83 11.13 22.03
C ASP B 133 10.02 10.52 21.29
N ALA B 134 10.31 9.28 21.62
CA ALA B 134 11.46 8.58 21.07
C ALA B 134 11.03 7.25 20.49
N VAL B 135 11.62 6.90 19.33
CA VAL B 135 11.53 5.54 18.80
C VAL B 135 12.93 4.95 18.80
N ILE B 136 13.05 3.74 19.32
CA ILE B 136 14.33 3.06 19.44
C ILE B 136 14.23 1.80 18.59
N SER B 137 14.97 1.75 17.50
CA SER B 137 14.86 0.74 16.45
C SER B 137 16.06 -0.19 16.45
N ASP B 138 15.81 -1.48 16.25
CA ASP B 138 16.90 -2.37 15.89
C ASP B 138 17.55 -1.86 14.60
N ALA B 139 18.88 -1.90 14.56
CA ALA B 139 19.61 -1.35 13.42
C ALA B 139 19.20 -1.98 12.10
N LEU B 140 18.72 -3.23 12.10
CA LEU B 140 18.37 -3.90 10.85
C LEU B 140 16.88 -3.85 10.55
N ASN B 141 16.13 -2.96 11.22
CA ASN B 141 14.69 -2.89 10.98
C ASN B 141 14.37 -2.72 9.50
N HIS B 142 13.19 -3.23 9.13
CA HIS B 142 12.72 -3.21 7.76
C HIS B 142 12.56 -1.79 7.25
N ALA B 143 12.79 -1.62 5.96
CA ALA B 143 12.71 -0.31 5.30
C ALA B 143 11.41 0.41 5.59
N SER B 144 10.28 -0.31 5.60
CA SER B 144 9.01 0.35 5.83
C SER B 144 8.93 0.93 7.24
N ILE B 145 9.63 0.33 8.19
CA ILE B 145 9.65 0.88 9.55
C ILE B 145 10.41 2.20 9.55
N ILE B 146 11.58 2.21 8.92
CA ILE B 146 12.39 3.43 8.87
C ILE B 146 11.60 4.57 8.24
N ASP B 147 10.91 4.30 7.15
CA ASP B 147 10.18 5.37 6.47
C ASP B 147 9.00 5.89 7.30
N GLY B 148 8.25 4.98 7.95
CA GLY B 148 7.25 5.45 8.90
C GLY B 148 7.86 6.30 10.00
N VAL B 149 9.02 5.90 10.50
CA VAL B 149 9.68 6.66 11.55
C VAL B 149 10.13 8.02 11.02
N ARG B 150 10.64 8.06 9.79
CA ARG B 150 11.10 9.32 9.21
C ARG B 150 9.96 10.30 8.96
N LEU B 151 8.75 9.79 8.70
CA LEU B 151 7.59 10.66 8.53
C LEU B 151 7.08 11.21 9.85
N SER B 152 7.43 10.58 10.96
CA SER B 152 7.06 11.10 12.26
C SER B 152 8.04 12.20 12.69
N LYS B 153 7.66 12.94 13.72
CA LYS B 153 8.56 13.90 14.34
C LYS B 153 9.35 13.29 15.49
N ALA B 154 9.25 11.97 15.68
CA ALA B 154 9.84 11.35 16.86
C ALA B 154 11.37 11.39 16.81
N ARG B 155 11.97 11.43 18.00
CA ARG B 155 13.43 11.33 18.12
C ARG B 155 13.88 9.92 17.80
N ARG B 156 14.96 9.81 17.05
CA ARG B 156 15.41 8.53 16.50
C ARG B 156 16.62 8.01 17.25
N TYR B 157 16.55 6.74 17.64
CA TYR B 157 17.67 6.02 18.22
C TYR B 157 17.73 4.64 17.56
N ARG B 158 18.93 4.10 17.46
CA ARG B 158 19.14 2.75 16.94
C ARG B 158 20.03 1.99 17.90
N TYR B 159 19.69 0.72 18.13
CA TYR B 159 20.57 -0.17 18.87
C TYR B 159 21.12 -1.24 17.93
N GLN B 160 22.33 -1.68 18.25
CA GLN B 160 23.00 -2.68 17.43
C GLN B 160 22.14 -3.93 17.35
N HIS B 161 22.18 -4.57 16.19
CA HIS B 161 21.27 -5.67 15.84
C HIS B 161 21.22 -6.75 16.93
N ASN B 162 20.01 -7.01 17.43
CA ASN B 162 19.73 -8.02 18.45
C ASN B 162 20.60 -7.88 19.70
N ASP B 163 21.06 -6.66 20.00
CA ASP B 163 22.01 -6.39 21.08
C ASP B 163 21.27 -5.76 22.26
N MET B 164 20.96 -6.59 23.28
CA MET B 164 20.19 -6.10 24.41
C MET B 164 21.00 -5.13 25.27
N ASP B 165 22.33 -5.26 25.30
CA ASP B 165 23.12 -4.29 26.04
C ASP B 165 23.01 -2.92 25.42
N ASP B 166 23.13 -2.84 24.08
CA ASP B 166 23.01 -1.57 23.39
C ASP B 166 21.58 -1.03 23.45
N LEU B 167 20.57 -1.91 23.45
CA LEU B 167 19.21 -1.42 23.66
C LEU B 167 19.09 -0.67 24.98
N ARG B 168 19.67 -1.23 26.05
CA ARG B 168 19.70 -0.52 27.32
C ARG B 168 20.39 0.83 27.19
N VAL B 169 21.52 0.86 26.48
CA VAL B 169 22.25 2.12 26.30
C VAL B 169 21.36 3.16 25.63
N GLN B 170 20.62 2.75 24.59
CA GLN B 170 19.77 3.69 23.87
C GLN B 170 18.59 4.14 24.74
N LEU B 171 18.00 3.22 25.52
CA LEU B 171 16.93 3.60 26.41
C LEU B 171 17.42 4.59 27.47
N GLU B 172 18.62 4.34 28.00
CA GLU B 172 19.26 5.29 28.92
C GLU B 172 19.45 6.65 28.26
N GLN B 173 19.92 6.67 27.01
CA GLN B 173 20.18 7.94 26.35
C GLN B 173 18.88 8.67 26.04
N ALA B 174 17.85 7.94 25.59
CA ALA B 174 16.56 8.58 25.31
C ALA B 174 15.97 9.17 26.59
N ARG B 175 16.15 8.48 27.72
CA ARG B 175 15.69 9.02 29.00
C ARG B 175 16.49 10.27 29.37
N ALA B 176 17.81 10.19 29.23
CA ALA B 176 18.66 11.35 29.54
C ALA B 176 18.31 12.54 28.66
N ASP B 177 17.94 12.28 27.41
CA ASP B 177 17.54 13.33 26.47
C ASP B 177 16.15 13.88 26.76
N GLY B 178 15.43 13.30 27.71
CA GLY B 178 14.14 13.84 28.11
C GLY B 178 12.95 13.34 27.33
N ALA B 179 13.00 12.11 26.82
CA ALA B 179 11.88 11.56 26.08
C ALA B 179 10.62 11.56 26.95
N ARG B 180 9.49 11.88 26.33
CA ARG B 180 8.20 11.76 27.00
C ARG B 180 7.74 10.30 26.99
N TYR B 181 7.36 9.80 25.81
CA TYR B 181 7.03 8.39 25.62
C TYR B 181 8.08 7.77 24.71
N THR B 182 8.41 6.50 24.97
CA THR B 182 9.45 5.81 24.22
C THR B 182 8.86 4.51 23.69
N LEU B 183 9.06 4.26 22.39
CA LEU B 183 8.63 3.04 21.72
C LEU B 183 9.87 2.31 21.21
N VAL B 184 10.13 1.12 21.77
CA VAL B 184 11.13 0.21 21.22
C VAL B 184 10.43 -0.59 20.13
N PHE B 185 11.02 -0.62 18.93
CA PHE B 185 10.36 -1.24 17.78
C PHE B 185 11.35 -2.10 17.00
N SER B 186 10.92 -3.32 16.63
CA SER B 186 11.82 -4.25 15.95
C SER B 186 11.01 -5.17 15.04
N ASP B 187 11.62 -5.58 13.91
CA ASP B 187 11.11 -6.76 13.22
C ASP B 187 10.99 -7.87 14.24
N GLY B 188 9.92 -8.66 14.15
CA GLY B 188 9.85 -9.87 14.96
C GLY B 188 10.80 -10.94 14.47
N VAL B 189 10.83 -11.15 13.15
CA VAL B 189 11.85 -11.96 12.49
C VAL B 189 12.47 -11.11 11.38
N PHE B 190 13.79 -11.08 11.33
CA PHE B 190 14.51 -10.27 10.35
C PHE B 190 14.74 -11.07 9.08
N SER B 191 14.32 -10.53 7.94
CA SER B 191 14.32 -11.32 6.71
C SER B 191 15.73 -11.58 6.18
N MET B 192 16.68 -10.68 6.44
CA MET B 192 17.99 -10.88 5.83
C MET B 192 18.80 -11.98 6.50
N ASP B 193 18.62 -12.20 7.81
CA ASP B 193 19.39 -13.24 8.49
C ASP B 193 18.51 -14.26 9.21
N GLY B 194 17.18 -14.17 9.10
CA GLY B 194 16.30 -15.10 9.76
C GLY B 194 16.35 -15.09 11.27
N THR B 195 16.98 -14.10 11.89
CA THR B 195 17.06 -14.10 13.35
C THR B 195 15.73 -13.69 13.97
N VAL B 196 15.50 -14.20 15.17
CA VAL B 196 14.26 -13.98 15.91
C VAL B 196 14.55 -12.96 17.01
N ALA B 197 13.81 -11.86 16.99
CA ALA B 197 14.05 -10.82 17.98
C ALA B 197 13.87 -11.37 19.39
N ARG B 198 14.67 -10.84 20.32
CA ARG B 198 14.70 -11.33 21.70
C ARG B 198 13.58 -10.69 22.53
N LEU B 199 12.34 -10.96 22.10
CA LEU B 199 11.19 -10.19 22.59
C LEU B 199 10.98 -10.37 24.09
N ASP B 200 11.33 -11.53 24.65
CA ASP B 200 11.18 -11.72 26.09
C ASP B 200 12.12 -10.79 26.85
N GLU B 201 13.38 -10.74 26.44
CA GLU B 201 14.33 -9.81 27.05
C GLU B 201 13.92 -8.36 26.80
N MET B 202 13.42 -8.07 25.59
CA MET B 202 13.05 -6.69 25.28
C MET B 202 11.86 -6.23 26.11
N ARG B 203 10.88 -7.11 26.32
CA ARG B 203 9.76 -6.77 27.19
C ARG B 203 10.25 -6.44 28.59
N ALA B 204 11.13 -7.27 29.14
CA ALA B 204 11.61 -7.00 30.50
C ALA B 204 12.39 -5.69 30.56
N ILE B 205 13.24 -5.45 29.55
CA ILE B 205 14.01 -4.21 29.51
C ILE B 205 13.10 -3.01 29.30
N CYS B 206 12.09 -3.16 28.44
CA CYS B 206 11.13 -2.09 28.26
C CYS B 206 10.44 -1.76 29.57
N ASP B 207 10.01 -2.79 30.31
CA ASP B 207 9.31 -2.56 31.57
C ASP B 207 10.18 -1.78 32.55
N GLU B 208 11.49 -2.03 32.56
CA GLU B 208 12.40 -1.31 33.45
C GLU B 208 12.37 0.18 33.17
N TYR B 209 12.19 0.59 31.92
CA TYR B 209 12.22 2.00 31.55
C TYR B 209 10.83 2.56 31.30
N GLY B 210 9.78 1.77 31.50
CA GLY B 210 8.45 2.25 31.20
C GLY B 210 8.19 2.43 29.73
N ALA B 211 8.93 1.71 28.89
CA ALA B 211 8.85 1.90 27.44
C ALA B 211 7.78 1.00 26.84
N LEU B 212 7.28 1.40 25.66
CA LEU B 212 6.39 0.59 24.86
C LEU B 212 7.19 -0.36 23.98
N LEU B 213 6.57 -1.47 23.59
CA LEU B 213 7.24 -2.45 22.74
C LEU B 213 6.37 -2.77 21.53
N GLY B 214 6.92 -2.57 20.34
CA GLY B 214 6.21 -2.83 19.11
C GLY B 214 7.04 -3.71 18.21
N ILE B 215 6.34 -4.53 17.42
CA ILE B 215 7.00 -5.49 16.55
C ILE B 215 6.31 -5.53 15.19
N ASP B 216 7.10 -5.87 14.18
CA ASP B 216 6.64 -6.04 12.80
C ASP B 216 6.72 -7.53 12.51
N GLU B 217 5.56 -8.17 12.35
CA GLU B 217 5.47 -9.62 12.39
C GLU B 217 5.35 -10.26 10.99
N CYS B 218 5.76 -9.56 9.94
CA CYS B 218 5.48 -10.03 8.58
C CYS B 218 6.07 -11.41 8.31
N HIS B 219 7.28 -11.68 8.82
CA HIS B 219 7.86 -13.01 8.63
C HIS B 219 7.62 -13.91 9.83
N ALA B 220 6.48 -13.76 10.51
CA ALA B 220 6.20 -14.55 11.70
C ALA B 220 4.73 -14.97 11.81
N THR B 221 3.80 -14.07 11.51
CA THR B 221 2.40 -14.41 11.74
C THR B 221 1.99 -15.61 10.92
N GLY B 222 1.37 -16.58 11.59
CA GLY B 222 0.89 -17.80 10.97
C GLY B 222 1.67 -19.05 11.37
N PHE B 223 2.95 -18.90 11.71
CA PHE B 223 3.78 -20.09 11.91
C PHE B 223 4.81 -19.98 13.02
N MET B 224 5.14 -18.78 13.52
CA MET B 224 5.99 -18.67 14.70
C MET B 224 5.16 -18.91 15.96
N GLY B 225 5.75 -19.61 16.92
CA GLY B 225 5.02 -20.03 18.10
C GLY B 225 4.29 -21.35 17.86
N GLN B 226 3.92 -22.00 18.97
CA GLN B 226 3.32 -23.32 18.89
C GLN B 226 2.03 -23.32 18.08
N ARG B 227 1.18 -22.32 18.30
CA ARG B 227 -0.06 -22.17 17.56
C ARG B 227 0.08 -21.21 16.39
N GLY B 228 1.30 -20.76 16.07
CA GLY B 228 1.52 -19.95 14.89
C GLY B 228 1.07 -18.52 15.03
N ARG B 229 0.91 -18.04 16.26
CA ARG B 229 0.40 -16.69 16.45
C ARG B 229 1.47 -15.63 16.23
N GLY B 230 2.75 -15.96 16.42
CA GLY B 230 3.80 -15.02 16.10
C GLY B 230 5.02 -15.17 16.99
N THR B 231 6.00 -14.29 16.75
CA THR B 231 7.23 -14.27 17.54
C THR B 231 6.94 -14.07 19.02
N HIS B 232 5.92 -13.26 19.33
CA HIS B 232 5.60 -13.00 20.72
C HIS B 232 5.13 -14.26 21.41
N GLU B 233 4.34 -15.10 20.72
CA GLU B 233 4.00 -16.40 21.28
C GLU B 233 5.26 -17.26 21.49
N ALA B 234 6.12 -17.31 20.48
CA ALA B 234 7.34 -18.09 20.58
C ALA B 234 8.20 -17.62 21.75
N ARG B 235 8.25 -16.33 21.99
CA ARG B 235 9.09 -15.79 23.07
C ARG B 235 8.36 -15.70 24.41
N GLY B 236 7.13 -16.19 24.50
CA GLY B 236 6.44 -16.20 25.78
C GLY B 236 5.90 -14.87 26.24
N VAL B 237 5.66 -13.94 25.32
CA VAL B 237 5.11 -12.65 25.70
C VAL B 237 3.85 -12.38 24.89
N PHE B 238 3.11 -13.43 24.55
CA PHE B 238 1.78 -13.26 23.95
C PHE B 238 0.91 -12.43 24.89
N GLY B 239 0.21 -11.46 24.32
CA GLY B 239 -0.58 -10.55 25.12
C GLY B 239 0.18 -9.47 25.85
N LYS B 240 1.50 -9.40 25.67
CA LYS B 240 2.32 -8.38 26.34
C LYS B 240 3.06 -7.50 25.33
N ILE B 241 2.46 -7.29 24.15
CA ILE B 241 3.03 -6.46 23.11
C ILE B 241 2.15 -5.24 22.92
N ASP B 242 2.76 -4.05 22.89
CA ASP B 242 1.95 -2.85 22.72
C ASP B 242 1.43 -2.72 21.30
N ILE B 243 2.27 -2.94 20.31
CA ILE B 243 1.90 -2.71 18.91
C ILE B 243 2.44 -3.85 18.06
N ILE B 244 1.58 -4.42 17.23
CA ILE B 244 1.98 -5.38 16.21
C ILE B 244 1.57 -4.81 14.86
N THR B 245 2.53 -4.68 13.95
CA THR B 245 2.20 -4.45 12.57
C THR B 245 2.51 -5.72 11.78
N GLY B 246 1.78 -5.91 10.69
CA GLY B 246 1.96 -7.15 9.96
C GLY B 246 1.27 -7.12 8.63
N THR B 247 1.44 -8.22 7.91
CA THR B 247 0.98 -8.35 6.54
C THR B 247 0.06 -9.55 6.39
N LEU B 248 -0.87 -9.45 5.44
CA LEU B 248 -1.61 -10.60 4.93
C LEU B 248 -0.94 -11.19 3.70
N GLY B 249 0.14 -10.57 3.22
CA GLY B 249 0.75 -10.92 1.95
C GLY B 249 1.88 -11.93 1.99
N1 LLP B 250 7.86 -5.29 7.18
C2 LLP B 250 8.50 -6.46 7.19
C2' LLP B 250 9.37 -6.80 8.35
C3 LLP B 250 8.37 -7.36 6.12
O3 LLP B 250 9.05 -8.53 6.18
C4 LLP B 250 7.55 -7.02 5.04
C4' LLP B 250 7.37 -8.00 3.96
C5 LLP B 250 6.88 -5.79 5.06
C6 LLP B 250 7.06 -4.97 6.14
C5' LLP B 250 6.00 -5.35 3.92
OP4 LLP B 250 4.70 -6.01 3.92
P LLP B 250 3.71 -5.75 2.69
OP1 LLP B 250 2.34 -6.18 3.23
OP2 LLP B 250 3.82 -4.26 2.40
OP3 LLP B 250 4.20 -6.59 1.53
N LLP B 250 2.13 -12.51 3.16
CA LLP B 250 3.19 -13.54 3.29
CB LLP B 250 4.32 -13.03 4.18
CG LLP B 250 5.08 -11.90 3.50
CD LLP B 250 6.32 -11.33 4.17
CE LLP B 250 6.98 -10.26 3.31
NZ LLP B 250 7.62 -9.25 4.15
C LLP B 250 2.53 -14.86 3.75
O LLP B 250 1.81 -15.41 2.91
N ALA B 251 2.71 -15.31 4.98
CA ALA B 251 2.15 -16.62 5.35
C ALA B 251 0.61 -16.66 5.28
N LEU B 252 -0.07 -15.52 5.44
CA LEU B 252 -1.52 -15.53 5.63
C LEU B 252 -2.31 -15.41 4.34
N GLY B 253 -1.72 -15.79 3.20
CA GLY B 253 -2.49 -15.84 1.97
C GLY B 253 -1.78 -15.30 0.75
N GLY B 254 -0.97 -14.26 0.93
CA GLY B 254 -0.08 -13.84 -0.13
C GLY B 254 -0.64 -12.88 -1.15
N ALA B 255 -1.88 -12.41 -0.97
CA ALA B 255 -2.48 -11.54 -1.99
C ALA B 255 -2.15 -10.08 -1.73
N SER B 256 -2.62 -9.55 -0.62
CA SER B 256 -2.43 -8.14 -0.28
C SER B 256 -2.99 -7.92 1.11
N GLY B 257 -2.81 -6.70 1.63
CA GLY B 257 -3.34 -6.32 2.92
C GLY B 257 -2.30 -6.34 4.02
N GLY B 258 -2.60 -5.59 5.08
CA GLY B 258 -1.75 -5.50 6.25
C GLY B 258 -2.56 -4.98 7.40
N PHE B 259 -1.90 -4.69 8.51
CA PHE B 259 -2.69 -4.39 9.71
C PHE B 259 -1.80 -3.86 10.81
N THR B 260 -2.42 -3.12 11.72
CA THR B 260 -1.82 -2.74 12.99
C THR B 260 -2.76 -3.22 14.07
N SER B 261 -2.21 -3.89 15.07
CA SER B 261 -2.99 -4.46 16.17
C SER B 261 -2.43 -3.93 17.48
N ALA B 262 -3.31 -3.47 18.37
CA ALA B 262 -2.88 -2.75 19.56
C ALA B 262 -4.06 -2.62 20.53
N ARG B 263 -3.87 -1.82 21.58
CA ARG B 263 -4.99 -1.48 22.47
C ARG B 263 -6.04 -0.69 21.69
N LYS B 264 -7.27 -0.71 22.20
CA LYS B 264 -8.36 -0.17 21.41
C LYS B 264 -8.21 1.32 21.19
N GLU B 265 -7.62 2.06 22.15
CA GLU B 265 -7.47 3.50 21.95
C GLU B 265 -6.44 3.82 20.88
N VAL B 266 -5.38 3.01 20.76
CA VAL B 266 -4.39 3.26 19.71
C VAL B 266 -5.03 3.03 18.34
N VAL B 267 -5.76 1.92 18.20
CA VAL B 267 -6.41 1.61 16.94
C VAL B 267 -7.42 2.70 16.59
N ALA B 268 -8.15 3.19 17.60
CA ALA B 268 -9.14 4.23 17.36
C ALA B 268 -8.49 5.52 16.86
N LEU B 269 -7.34 5.90 17.46
CA LEU B 269 -6.70 7.12 17.00
C LEU B 269 -6.13 6.94 15.60
N LEU B 270 -5.61 5.74 15.31
CA LEU B 270 -5.14 5.44 13.96
C LEU B 270 -6.26 5.58 12.94
N ARG B 271 -7.48 5.11 13.26
CA ARG B 271 -8.55 5.26 12.28
C ARG B 271 -8.85 6.74 12.04
N GLN B 272 -8.73 7.57 13.07
CA GLN B 272 -9.07 8.97 12.89
C GLN B 272 -7.97 9.75 12.16
N ARG B 273 -6.70 9.33 12.25
CA ARG B 273 -5.62 10.23 11.84
C ARG B 273 -4.56 9.61 10.93
N SER B 274 -4.50 8.29 10.80
CA SER B 274 -3.40 7.66 10.06
C SER B 274 -3.59 7.91 8.57
N ARG B 275 -2.58 8.46 7.93
CA ARG B 275 -2.81 9.01 6.61
C ARG B 275 -3.10 7.94 5.56
N PRO B 276 -2.41 6.79 5.54
CA PRO B 276 -2.81 5.75 4.58
C PRO B 276 -4.21 5.21 4.83
N TYR B 277 -4.74 5.30 6.05
CA TYR B 277 -6.08 4.81 6.31
C TYR B 277 -7.13 5.82 5.85
N LEU B 278 -6.83 7.11 5.99
CA LEU B 278 -7.74 8.17 5.55
C LEU B 278 -7.74 8.34 4.04
N PHE B 279 -6.60 8.11 3.40
CA PHE B 279 -6.36 8.56 2.04
C PHE B 279 -5.92 7.45 1.11
N SER B 280 -6.14 6.18 1.48
CA SER B 280 -5.85 5.08 0.58
C SER B 280 -6.98 4.05 0.66
N ASN B 281 -7.22 3.39 -0.47
CA ASN B 281 -8.36 2.50 -0.64
C ASN B 281 -8.43 1.42 0.45
N THR B 282 -9.66 1.04 0.79
CA THR B 282 -9.91 -0.08 1.69
C THR B 282 -9.43 -1.39 1.08
N VAL B 283 -9.25 -2.40 1.94
CA VAL B 283 -8.85 -3.72 1.43
C VAL B 283 -9.98 -4.32 0.60
N ALA B 284 -9.61 -4.98 -0.51
CA ALA B 284 -10.61 -5.54 -1.42
C ALA B 284 -11.41 -6.65 -0.74
N PRO B 285 -12.72 -6.75 -1.02
CA PRO B 285 -13.55 -7.75 -0.34
C PRO B 285 -13.04 -9.18 -0.44
N ALA B 286 -12.59 -9.61 -1.63
CA ALA B 286 -12.15 -10.99 -1.79
C ALA B 286 -10.93 -11.29 -0.95
N ILE B 287 -10.05 -10.32 -0.75
CA ILE B 287 -8.88 -10.54 0.10
C ILE B 287 -9.30 -10.62 1.56
N VAL B 288 -10.26 -9.78 1.97
CA VAL B 288 -10.76 -9.84 3.34
C VAL B 288 -11.41 -11.20 3.61
N GLY B 289 -12.26 -11.65 2.69
CA GLY B 289 -12.97 -12.90 2.88
C GLY B 289 -12.04 -14.09 2.90
N ALA B 290 -11.07 -14.12 1.98
CA ALA B 290 -10.09 -15.20 1.98
C ALA B 290 -9.26 -15.19 3.27
N SER B 291 -8.95 -14.00 3.79
CA SER B 291 -8.16 -13.92 5.02
C SER B 291 -8.91 -14.49 6.21
N ILE B 292 -10.24 -14.30 6.26
CA ILE B 292 -11.03 -14.93 7.33
C ILE B 292 -10.94 -16.44 7.21
N ALA B 293 -10.98 -16.95 5.98
CA ALA B 293 -10.87 -18.39 5.77
C ALA B 293 -9.48 -18.90 6.15
N VAL B 294 -8.45 -18.09 5.90
CA VAL B 294 -7.10 -18.45 6.34
C VAL B 294 -7.08 -18.63 7.86
N LEU B 295 -7.65 -17.67 8.60
CA LEU B 295 -7.65 -17.81 10.05
C LEU B 295 -8.46 -19.02 10.50
N ASP B 296 -9.58 -19.30 9.82
CA ASP B 296 -10.31 -20.53 10.11
C ASP B 296 -9.40 -21.75 9.96
N ILE B 297 -8.62 -21.80 8.88
CA ILE B 297 -7.74 -22.95 8.65
C ILE B 297 -6.70 -23.04 9.77
N LEU B 298 -6.07 -21.93 10.09
CA LEU B 298 -4.94 -21.96 11.02
C LEU B 298 -5.40 -22.14 12.45
N GLU B 299 -6.62 -21.74 12.80
CA GLU B 299 -7.11 -21.98 14.14
C GLU B 299 -7.68 -23.38 14.30
N ALA B 300 -7.94 -24.07 13.19
CA ALA B 300 -8.46 -25.43 13.26
C ALA B 300 -7.36 -26.48 13.46
N SER B 301 -6.18 -26.24 12.91
CA SER B 301 -5.11 -27.23 12.90
C SER B 301 -3.78 -26.54 12.74
N THR B 302 -2.76 -27.03 13.45
CA THR B 302 -1.40 -26.56 13.27
C THR B 302 -0.62 -27.37 12.24
N GLU B 303 -1.29 -28.21 11.44
CA GLU B 303 -0.57 -29.15 10.59
C GLU B 303 0.33 -28.42 9.58
N LEU B 304 -0.15 -27.33 8.99
CA LEU B 304 0.66 -26.66 7.97
C LEU B 304 1.93 -26.08 8.56
N ARG B 305 1.83 -25.39 9.71
CA ARG B 305 3.04 -24.85 10.30
C ARG B 305 3.94 -25.95 10.86
N ASP B 306 3.35 -27.07 11.30
CA ASP B 306 4.18 -28.20 11.69
C ASP B 306 4.93 -28.78 10.50
N ARG B 307 4.29 -28.81 9.32
CA ARG B 307 4.98 -29.29 8.13
C ARG B 307 6.09 -28.34 7.71
N LEU B 308 5.81 -27.03 7.73
CA LEU B 308 6.86 -26.04 7.49
C LEU B 308 8.05 -26.25 8.42
N GLU B 309 7.78 -26.55 9.69
CA GLU B 309 8.88 -26.73 10.64
C GLU B 309 9.72 -27.94 10.28
N GLY B 310 9.08 -29.04 9.91
CA GLY B 310 9.82 -30.22 9.50
C GLY B 310 10.62 -30.00 8.24
N ASN B 311 10.03 -29.29 7.27
CA ASN B 311 10.74 -28.98 6.04
C ASN B 311 11.97 -28.12 6.31
N THR B 312 11.83 -27.17 7.23
CA THR B 312 12.93 -26.28 7.59
C THR B 312 14.08 -27.05 8.24
N ARG B 313 13.75 -27.95 9.17
CA ARG B 313 14.78 -28.77 9.81
C ARG B 313 15.51 -29.62 8.79
N PHE B 314 14.75 -30.26 7.90
CA PHE B 314 15.35 -31.12 6.87
C PHE B 314 16.32 -30.33 6.00
N PHE B 315 15.91 -29.17 5.52
CA PHE B 315 16.76 -28.42 4.60
C PHE B 315 17.95 -27.78 5.32
N ARG B 316 17.74 -27.29 6.55
CA ARG B 316 18.88 -26.78 7.29
C ARG B 316 19.89 -27.88 7.59
N ALA B 317 19.40 -29.07 7.91
CA ALA B 317 20.32 -30.18 8.18
C ALA B 317 21.07 -30.61 6.92
N GLY B 318 20.41 -30.57 5.78
CA GLY B 318 21.07 -30.99 4.55
C GLY B 318 22.14 -30.02 4.10
N LEU B 319 21.85 -28.72 4.18
CA LEU B 319 22.87 -27.73 3.84
C LEU B 319 24.05 -27.82 4.80
N ASP B 320 23.78 -28.00 6.09
CA ASP B 320 24.84 -28.21 7.07
C ASP B 320 25.68 -29.41 6.68
N ARG B 321 25.01 -30.52 6.36
CA ARG B 321 25.70 -31.76 5.98
C ARG B 321 26.58 -31.54 4.75
N LEU B 322 26.09 -30.79 3.76
CA LEU B 322 26.87 -30.54 2.55
C LEU B 322 28.07 -29.64 2.80
N GLY B 323 28.12 -28.93 3.93
CA GLY B 323 29.24 -28.07 4.25
C GLY B 323 29.01 -26.59 4.08
N PHE B 324 27.78 -26.15 3.83
CA PHE B 324 27.54 -24.74 3.62
C PHE B 324 27.64 -23.97 4.94
N ASP B 325 27.91 -22.68 4.82
CA ASP B 325 27.96 -21.75 5.96
C ASP B 325 26.57 -21.17 6.10
N VAL B 326 25.77 -21.72 7.02
CA VAL B 326 24.38 -21.31 7.19
C VAL B 326 24.25 -20.54 8.50
N LYS B 327 23.65 -19.35 8.43
CA LYS B 327 23.35 -18.58 9.64
C LYS B 327 22.53 -19.41 10.61
N ALA B 328 22.97 -19.42 11.87
CA ALA B 328 22.33 -20.26 12.88
C ALA B 328 20.87 -19.87 13.07
N GLY B 329 20.08 -20.85 13.49
CA GLY B 329 18.66 -20.61 13.72
C GLY B 329 17.76 -21.73 13.25
N ASP B 330 16.45 -21.58 13.46
CA ASP B 330 15.47 -22.57 13.05
C ASP B 330 14.40 -21.97 12.14
N HIS B 331 14.61 -20.78 11.62
CA HIS B 331 13.54 -20.13 10.87
C HIS B 331 13.50 -20.65 9.43
N PRO B 332 12.31 -20.65 8.82
CA PRO B 332 12.21 -21.04 7.40
C PRO B 332 13.01 -20.17 6.45
N ILE B 333 13.41 -18.97 6.86
CA ILE B 333 14.37 -18.20 6.08
C ILE B 333 15.74 -18.75 6.40
N ILE B 334 16.43 -19.28 5.39
CA ILE B 334 17.71 -19.96 5.57
C ILE B 334 18.75 -19.22 4.75
N PRO B 335 19.57 -18.37 5.39
CA PRO B 335 20.59 -17.60 4.66
C PRO B 335 21.86 -18.44 4.51
N ILE B 336 22.31 -18.61 3.28
CA ILE B 336 23.53 -19.36 2.97
C ILE B 336 24.63 -18.34 2.63
N MET B 337 25.63 -18.21 3.50
CA MET B 337 26.67 -17.20 3.31
C MET B 337 27.64 -17.63 2.21
N VAL B 338 27.92 -16.73 1.27
CA VAL B 338 28.88 -17.00 0.20
C VAL B 338 29.85 -15.84 0.02
N TYR B 339 29.75 -14.83 0.90
CA TYR B 339 30.76 -13.78 1.08
C TYR B 339 30.83 -12.77 -0.06
N ASP B 340 31.12 -13.22 -1.28
CA ASP B 340 31.33 -12.34 -2.42
C ASP B 340 30.05 -12.13 -3.21
N ALA B 341 29.83 -10.89 -3.66
CA ALA B 341 28.73 -10.62 -4.58
C ALA B 341 28.80 -11.52 -5.82
N ASP B 342 29.99 -11.67 -6.40
CA ASP B 342 30.13 -12.49 -7.59
C ASP B 342 29.80 -13.97 -7.31
N LYS B 343 30.28 -14.48 -6.18
CA LYS B 343 29.93 -15.86 -5.81
C LYS B 343 28.42 -16.03 -5.66
N ALA B 344 27.75 -15.05 -5.05
CA ALA B 344 26.30 -15.14 -4.88
C ALA B 344 25.58 -15.10 -6.22
N GLN B 345 25.99 -14.19 -7.10
CA GLN B 345 25.37 -14.12 -8.42
C GLN B 345 25.59 -15.40 -9.20
N GLN B 346 26.79 -15.98 -9.09
CA GLN B 346 27.08 -17.23 -9.79
C GLN B 346 26.25 -18.38 -9.24
N LEU B 347 26.14 -18.47 -7.92
CA LEU B 347 25.41 -19.58 -7.31
C LEU B 347 23.93 -19.50 -7.62
N ALA B 348 23.34 -18.30 -7.57
CA ALA B 348 21.92 -18.17 -7.90
C ALA B 348 21.64 -18.50 -9.36
N GLN B 349 22.54 -18.09 -10.26
CA GLN B 349 22.33 -18.39 -11.68
C GLN B 349 22.52 -19.88 -11.97
N ARG B 350 23.54 -20.50 -11.37
CA ARG B 350 23.76 -21.93 -11.58
C ARG B 350 22.61 -22.76 -11.03
N LEU B 351 22.09 -22.39 -9.85
CA LEU B 351 20.94 -23.10 -9.30
C LEU B 351 19.73 -22.98 -10.21
N LEU B 352 19.52 -21.81 -10.82
CA LEU B 352 18.42 -21.66 -11.77
C LEU B 352 18.59 -22.62 -12.93
N GLU B 353 19.80 -22.74 -13.45
CA GLU B 353 20.03 -23.68 -14.54
C GLU B 353 19.77 -25.11 -14.11
N LEU B 354 19.93 -25.40 -12.81
CA LEU B 354 19.70 -26.73 -12.27
C LEU B 354 18.26 -26.93 -11.81
N GLY B 355 17.38 -25.97 -12.07
CA GLY B 355 15.97 -26.10 -11.74
C GLY B 355 15.55 -25.60 -10.38
N VAL B 356 16.35 -24.74 -9.74
CA VAL B 356 16.06 -24.26 -8.39
C VAL B 356 16.12 -22.74 -8.39
N TYR B 357 15.05 -22.10 -7.94
CA TYR B 357 14.94 -20.66 -7.98
C TYR B 357 15.20 -20.09 -6.59
N VAL B 358 16.27 -19.31 -6.45
CA VAL B 358 16.62 -18.63 -5.23
C VAL B 358 16.89 -17.16 -5.54
N VAL B 359 17.16 -16.38 -4.50
CA VAL B 359 17.54 -14.98 -4.64
C VAL B 359 18.83 -14.74 -3.87
N GLY B 360 19.69 -13.90 -4.42
CA GLY B 360 20.94 -13.52 -3.77
C GLY B 360 20.89 -12.08 -3.30
N PHE B 361 21.59 -11.81 -2.19
CA PHE B 361 21.75 -10.47 -1.64
C PHE B 361 23.23 -10.20 -1.42
N PHE B 362 23.67 -9.00 -1.77
CA PHE B 362 25.09 -8.69 -1.75
C PHE B 362 25.23 -7.19 -1.62
N TYR B 363 26.48 -6.75 -1.50
CA TYR B 363 26.79 -5.34 -1.34
C TYR B 363 26.16 -4.53 -2.47
N PRO B 364 25.56 -3.36 -2.18
CA PRO B 364 25.53 -2.68 -0.89
C PRO B 364 24.32 -2.97 -0.02
N VAL B 365 23.48 -3.93 -0.42
CA VAL B 365 22.33 -4.25 0.42
C VAL B 365 22.78 -4.90 1.72
N VAL B 366 23.80 -5.75 1.66
CA VAL B 366 24.47 -6.28 2.85
C VAL B 366 25.92 -5.80 2.79
N PRO B 367 26.66 -5.88 3.90
CA PRO B 367 28.05 -5.42 3.86
C PRO B 367 28.93 -6.28 2.98
N LYS B 368 30.06 -5.70 2.56
CA LYS B 368 31.11 -6.47 1.89
C LYS B 368 31.44 -7.71 2.70
N GLY B 369 31.59 -8.83 2.01
CA GLY B 369 31.89 -10.08 2.66
C GLY B 369 30.71 -10.78 3.28
N GLN B 370 29.52 -10.19 3.21
CA GLN B 370 28.33 -10.75 3.82
C GLN B 370 27.30 -11.20 2.78
N ALA B 371 27.73 -11.47 1.54
CA ALA B 371 26.82 -11.93 0.50
C ALA B 371 26.22 -13.27 0.89
N ARG B 372 25.00 -13.52 0.39
CA ARG B 372 24.29 -14.71 0.80
C ARG B 372 23.23 -15.05 -0.25
N ILE B 373 22.86 -16.34 -0.26
CA ILE B 373 21.66 -16.81 -0.93
C ILE B 373 20.58 -16.96 0.14
N ARG B 374 19.39 -16.43 -0.12
CA ARG B 374 18.28 -16.55 0.83
C ARG B 374 17.32 -17.59 0.30
N VAL B 375 17.23 -18.70 0.98
CA VAL B 375 16.23 -19.73 0.71
C VAL B 375 15.08 -19.57 1.69
N GLN B 376 13.87 -19.89 1.24
CA GLN B 376 12.67 -19.84 2.09
C GLN B 376 11.90 -21.14 1.96
N MET B 377 11.73 -21.84 3.07
CA MET B 377 10.94 -23.07 3.07
C MET B 377 9.45 -22.76 3.01
N SER B 378 8.69 -23.75 2.54
CA SER B 378 7.23 -23.70 2.50
C SER B 378 6.68 -25.04 2.98
N ALA B 379 5.51 -24.99 3.60
CA ALA B 379 4.78 -26.24 3.85
C ALA B 379 4.47 -27.00 2.56
N LEU B 380 4.52 -26.33 1.41
CA LEU B 380 4.13 -26.96 0.15
C LEU B 380 5.09 -28.05 -0.28
N HIS B 381 6.39 -27.82 -0.09
CA HIS B 381 7.37 -28.75 -0.63
C HIS B 381 7.28 -30.10 0.08
N ASP B 382 7.50 -31.17 -0.68
CA ASP B 382 7.69 -32.48 -0.07
C ASP B 382 9.17 -32.78 0.01
N GLU B 383 9.52 -33.72 0.89
CA GLU B 383 10.93 -33.92 1.20
C GLU B 383 11.69 -34.50 0.01
N ALA B 384 11.00 -35.22 -0.88
CA ALA B 384 11.66 -35.69 -2.09
C ALA B 384 12.10 -34.51 -2.95
N ALA B 385 11.21 -33.55 -3.17
CA ALA B 385 11.56 -32.37 -3.95
C ALA B 385 12.65 -31.55 -3.28
N LEU B 386 12.61 -31.46 -1.95
CA LEU B 386 13.66 -30.75 -1.21
C LEU B 386 14.99 -31.46 -1.37
N GLN B 387 14.99 -32.79 -1.37
CA GLN B 387 16.24 -33.51 -1.59
C GLN B 387 16.79 -33.23 -2.99
N ALA B 388 15.92 -33.20 -4.00
CA ALA B 388 16.35 -32.82 -5.33
C ALA B 388 16.97 -31.43 -5.33
N ALA B 389 16.40 -30.51 -4.56
CA ALA B 389 16.99 -29.18 -4.46
C ALA B 389 18.35 -29.23 -3.76
N LEU B 390 18.46 -30.02 -2.68
CA LEU B 390 19.75 -30.14 -2.01
C LEU B 390 20.81 -30.69 -2.97
N ASP B 391 20.43 -31.64 -3.82
CA ASP B 391 21.37 -32.18 -4.80
C ASP B 391 21.85 -31.09 -5.77
N ALA B 392 20.96 -30.16 -6.12
CA ALA B 392 21.37 -29.03 -6.96
C ALA B 392 22.34 -28.12 -6.21
N PHE B 393 22.06 -27.84 -4.93
CA PHE B 393 23.00 -27.09 -4.08
C PHE B 393 24.35 -27.80 -4.01
N GLY B 394 24.32 -29.11 -3.79
CA GLY B 394 25.56 -29.87 -3.76
C GLY B 394 26.37 -29.76 -5.04
N GLN B 395 25.70 -29.89 -6.18
CA GLN B 395 26.40 -29.81 -7.47
C GLN B 395 26.99 -28.42 -7.68
N ALA B 396 26.16 -27.38 -7.60
CA ALA B 396 26.63 -26.02 -7.86
C ALA B 396 27.67 -25.61 -6.82
N GLY B 397 27.49 -26.02 -5.57
CA GLY B 397 28.44 -25.65 -4.53
C GLY B 397 29.81 -26.26 -4.76
N ARG B 398 29.84 -27.52 -5.20
CA ARG B 398 31.12 -28.13 -5.55
C ARG B 398 31.73 -27.45 -6.76
N GLU B 399 30.92 -27.17 -7.78
CA GLU B 399 31.43 -26.53 -8.98
C GLU B 399 32.10 -25.20 -8.63
N LEU B 400 31.47 -24.40 -7.78
CA LEU B 400 31.95 -23.06 -7.48
C LEU B 400 32.95 -23.03 -6.33
N GLY B 401 33.35 -24.19 -5.82
CA GLY B 401 34.35 -24.24 -4.77
C GLY B 401 33.85 -23.82 -3.41
N LEU B 402 32.53 -23.78 -3.22
CA LEU B 402 31.99 -23.45 -1.90
C LEU B 402 32.02 -24.65 -0.96
N ILE B 403 31.88 -25.87 -1.47
CA ILE B 403 31.91 -27.07 -0.65
C ILE B 403 32.82 -28.10 -1.32
#